data_1OGU
#
_entry.id   1OGU
#
_cell.length_a   73.836
_cell.length_b   133.676
_cell.length_c   148.335
_cell.angle_alpha   90.00
_cell.angle_beta   90.00
_cell.angle_gamma   90.00
#
_symmetry.space_group_name_H-M   'P 21 21 21'
#
loop_
_entity.id
_entity.type
_entity.pdbx_description
1 polymer 'CELL DIVISION PROTEIN KINASE 2'
2 polymer 'CYCLIN A2'
3 non-polymer 4-{[4-AMINO-6-(CYCLOHEXYLMETHOXY)-5-NITROSOPYRIMIDIN-2-YL]AMINO}BENZAMIDE
4 non-polymer MONOTHIOGLYCEROL
5 water water
#
loop_
_entity_poly.entity_id
_entity_poly.type
_entity_poly.pdbx_seq_one_letter_code
_entity_poly.pdbx_strand_id
1 'polypeptide(L)'
;GPGSMENFQKVEKIGEGTYGVVYKARNKLTGEVVALKKIRLDTETEGVPSTAIREISLLKELNHPNIVKLLDVIHTENKL
YLVFEFLHQDLKKFMDASALTGIPLPLIKSYLFQLLQGLAFCHSHRVLHRDLKPQNLLINTEGAIKLADFGLARAFGVPV
RTY(TPO)HEVVTLWYRAPEILLGCKYYSTAVDIWSLGCIFAEMVTRRALFPGDSEIDQLFRIFRTLGTPDEVVWPGVTS
MPDYKPSFPKWARQDFSKVVPPLDEDGRSLLSQMLHYDPNKRISAKAALAHPFFQDVTKPVPHLRL
;
A,C
2 'polypeptide(L)'
;MEVPDYHEDIHTYLREMEVKCKPKVGYMKKQPDITNSMRAILVDWLVEVGEEYKLQNETLHLAVNYIDRFLSSMSVLRGK
LQLVGTAAMLLASKFEEIYPPEVAEFVYITDDTYTKKQVLRMEHLVLKVLTFDLAAPTVNQFLTQYFLHQQPANCKVESL
AMFLGELSLIDADPYLKYLPSVIAGAAFHLALYTVTGQSWPESLIRKTGYTLESLKPCLMDLHQTYLKAPQHAQQSIREK
YKNSKYHGVSLLNPPETLNL
;
B,D
#
loop_
_chem_comp.id
_chem_comp.type
_chem_comp.name
_chem_comp.formula
SGM non-polymer MONOTHIOGLYCEROL 'C3 H8 O2 S'
ST8 non-polymer 4-{[4-AMINO-6-(CYCLOHEXYLMETHOXY)-5-NITROSOPYRIMIDIN-2-YL]AMINO}BENZAMIDE 'C18 H22 N6 O3'
#
# COMPACT_ATOMS: atom_id res chain seq x y z
N PRO A 2 -7.89 -0.19 -8.43
CA PRO A 2 -7.76 1.01 -9.35
C PRO A 2 -8.74 0.92 -10.50
N GLY A 3 -9.37 -0.25 -10.67
CA GLY A 3 -10.17 -0.56 -11.85
C GLY A 3 -11.64 -0.19 -11.75
N SER A 4 -12.34 -0.31 -12.88
CA SER A 4 -13.78 -0.06 -13.00
C SER A 4 -14.25 -0.95 -14.12
N MET A 5 -15.39 -1.63 -13.92
CA MET A 5 -15.93 -2.51 -14.94
C MET A 5 -16.10 -1.86 -16.31
N GLU A 6 -16.28 -0.54 -16.28
CA GLU A 6 -16.48 0.22 -17.49
C GLU A 6 -15.35 0.13 -18.52
N ASN A 7 -14.14 -0.13 -18.07
CA ASN A 7 -13.04 -0.28 -18.99
C ASN A 7 -12.77 -1.66 -19.54
N PHE A 8 -13.55 -2.66 -19.14
CA PHE A 8 -13.31 -3.99 -19.70
C PHE A 8 -14.39 -4.33 -20.71
N GLN A 9 -13.97 -4.90 -21.83
CA GLN A 9 -14.88 -5.48 -22.78
C GLN A 9 -14.75 -6.97 -22.61
N LYS A 10 -15.82 -7.63 -22.12
CA LYS A 10 -15.93 -9.08 -22.08
C LYS A 10 -15.79 -9.65 -23.53
N VAL A 11 -15.10 -10.77 -23.72
CA VAL A 11 -14.73 -11.29 -25.05
C VAL A 11 -15.23 -12.75 -25.28
N GLU A 12 -15.01 -13.65 -24.30
CA GLU A 12 -15.70 -14.95 -24.31
C GLU A 12 -15.63 -15.62 -22.95
N LYS A 13 -16.60 -16.49 -22.62
CA LYS A 13 -16.50 -17.30 -21.42
C LYS A 13 -15.35 -18.28 -21.58
N ILE A 14 -14.70 -18.60 -20.48
CA ILE A 14 -13.58 -19.51 -20.50
C ILE A 14 -13.97 -20.78 -19.77
N GLY A 15 -14.50 -20.67 -18.55
CA GLY A 15 -14.86 -21.85 -17.79
C GLY A 15 -15.20 -21.60 -16.32
N GLU A 16 -15.37 -22.70 -15.60
CA GLU A 16 -15.79 -22.71 -14.19
C GLU A 16 -14.82 -23.56 -13.35
N GLY A 17 -14.04 -22.86 -12.54
CA GLY A 17 -13.09 -23.52 -11.67
C GLY A 17 -13.71 -23.70 -10.30
N THR A 18 -12.92 -23.45 -9.27
CA THR A 18 -13.31 -23.82 -7.93
C THR A 18 -14.61 -23.13 -7.48
N TYR A 19 -14.80 -21.91 -7.96
CA TYR A 19 -15.99 -21.13 -7.64
C TYR A 19 -16.04 -20.01 -8.64
N GLY A 20 -17.21 -19.35 -8.77
CA GLY A 20 -17.37 -18.23 -9.68
C GLY A 20 -17.12 -18.61 -11.13
N VAL A 21 -16.94 -17.62 -12.01
CA VAL A 21 -16.77 -17.88 -13.48
C VAL A 21 -15.72 -16.99 -14.18
N VAL A 22 -14.98 -17.57 -15.13
CA VAL A 22 -13.87 -16.85 -15.74
C VAL A 22 -14.17 -16.58 -17.18
N TYR A 23 -13.97 -15.33 -17.58
CA TYR A 23 -14.20 -14.81 -18.94
C TYR A 23 -12.90 -14.19 -19.44
N LYS A 24 -12.63 -14.23 -20.73
CA LYS A 24 -11.54 -13.45 -21.26
C LYS A 24 -12.07 -12.06 -21.55
N ALA A 25 -11.30 -11.02 -21.26
CA ALA A 25 -11.76 -9.66 -21.50
C ALA A 25 -10.56 -8.77 -21.82
N ARG A 26 -10.79 -7.61 -22.45
CA ARG A 26 -9.71 -6.65 -22.69
C ARG A 26 -10.02 -5.29 -22.06
N ASN A 27 -8.99 -4.72 -21.48
CA ASN A 27 -9.00 -3.38 -20.97
C ASN A 27 -9.02 -2.40 -22.15
N LYS A 28 -10.02 -1.54 -22.19
CA LYS A 28 -10.21 -0.70 -23.39
C LYS A 28 -9.10 0.33 -23.48
N LEU A 29 -8.59 0.80 -22.34
CA LEU A 29 -7.60 1.87 -22.30
C LEU A 29 -6.15 1.45 -22.40
N THR A 30 -5.76 0.32 -21.81
CA THR A 30 -4.38 -0.13 -21.94
C THR A 30 -4.15 -1.17 -23.04
N GLY A 31 -5.20 -1.86 -23.49
CA GLY A 31 -5.02 -2.84 -24.53
C GLY A 31 -4.87 -4.24 -23.97
N GLU A 32 -4.64 -4.33 -22.67
CA GLU A 32 -4.27 -5.58 -22.02
C GLU A 32 -5.42 -6.60 -21.99
N VAL A 33 -5.09 -7.83 -22.36
CA VAL A 33 -6.03 -8.93 -22.28
C VAL A 33 -5.99 -9.47 -20.84
N VAL A 34 -7.15 -9.67 -20.24
CA VAL A 34 -7.20 -10.15 -18.84
C VAL A 34 -8.19 -11.29 -18.74
N ALA A 35 -8.17 -12.00 -17.62
CA ALA A 35 -9.22 -12.95 -17.30
C ALA A 35 -10.02 -12.33 -16.17
N LEU A 36 -11.34 -12.29 -16.29
CA LEU A 36 -12.15 -11.77 -15.18
C LEU A 36 -12.81 -12.90 -14.54
N LYS A 37 -12.67 -13.03 -13.21
CA LYS A 37 -13.39 -14.04 -12.49
C LYS A 37 -14.53 -13.27 -11.86
N LYS A 38 -15.74 -13.74 -12.07
CA LYS A 38 -16.90 -13.04 -11.57
C LYS A 38 -17.58 -13.84 -10.49
N ILE A 39 -17.75 -13.22 -9.33
CA ILE A 39 -18.23 -13.86 -8.12
C ILE A 39 -19.57 -13.27 -7.75
N ARG A 40 -20.61 -14.08 -7.73
CA ARG A 40 -21.94 -13.60 -7.35
C ARG A 40 -22.08 -13.63 -5.85
N LEU A 41 -22.46 -12.50 -5.29
CA LEU A 41 -22.49 -12.36 -3.83
C LEU A 41 -23.91 -12.34 -3.29
N THR A 45 -27.16 -16.74 1.63
CA THR A 45 -26.39 -15.56 1.99
C THR A 45 -25.36 -15.94 3.06
N GLU A 46 -24.15 -16.30 2.63
CA GLU A 46 -23.06 -16.44 3.57
C GLU A 46 -22.13 -15.29 3.35
N GLY A 47 -22.48 -14.37 2.45
CA GLY A 47 -21.63 -13.22 2.13
C GLY A 47 -20.47 -13.66 1.26
N VAL A 48 -19.26 -13.15 1.49
CA VAL A 48 -18.12 -13.58 0.68
C VAL A 48 -17.67 -15.02 1.02
N PRO A 49 -17.65 -15.87 0.00
CA PRO A 49 -17.37 -17.26 0.21
C PRO A 49 -15.95 -17.43 0.67
N SER A 50 -15.71 -18.32 1.62
CA SER A 50 -14.34 -18.59 2.10
C SER A 50 -13.30 -18.84 0.99
N THR A 51 -13.74 -19.37 -0.15
CA THR A 51 -12.83 -19.64 -1.25
C THR A 51 -12.29 -18.37 -1.85
N ALA A 52 -13.17 -17.39 -2.01
CA ALA A 52 -12.77 -16.10 -2.55
C ALA A 52 -11.89 -15.36 -1.54
N ILE A 53 -12.22 -15.48 -0.26
CA ILE A 53 -11.45 -14.81 0.77
C ILE A 53 -10.00 -15.32 0.73
N ARG A 54 -9.90 -16.64 0.62
CA ARG A 54 -8.62 -17.29 0.66
C ARG A 54 -7.82 -16.98 -0.56
N GLU A 55 -8.46 -17.19 -1.71
CA GLU A 55 -7.81 -16.92 -2.99
C GLU A 55 -7.29 -15.49 -3.12
N ILE A 56 -8.13 -14.53 -2.75
CA ILE A 56 -7.76 -13.16 -2.91
C ILE A 56 -6.62 -12.81 -1.99
N SER A 57 -6.76 -13.13 -0.69
CA SER A 57 -5.75 -12.66 0.25
C SER A 57 -4.40 -13.34 0.04
N LEU A 58 -4.41 -14.59 -0.44
CA LEU A 58 -3.16 -15.31 -0.65
C LEU A 58 -2.47 -14.93 -1.94
N LEU A 59 -3.27 -14.76 -2.97
CA LEU A 59 -2.78 -14.31 -4.29
C LEU A 59 -2.19 -12.89 -4.24
N LYS A 60 -2.78 -12.03 -3.44
CA LYS A 60 -2.18 -10.74 -3.16
C LYS A 60 -0.74 -10.83 -2.64
N GLU A 61 -0.47 -11.80 -1.78
CA GLU A 61 0.87 -12.00 -1.26
C GLU A 61 1.87 -12.67 -2.22
N LEU A 62 1.36 -13.44 -3.17
CA LEU A 62 2.21 -14.26 -4.01
C LEU A 62 2.50 -13.59 -5.31
N ASN A 63 3.53 -12.79 -5.39
CA ASN A 63 3.79 -12.25 -6.69
C ASN A 63 5.07 -12.92 -7.22
N HIS A 64 4.90 -13.77 -8.26
CA HIS A 64 5.94 -14.66 -8.77
C HIS A 64 5.67 -14.98 -10.25
N PRO A 65 6.69 -15.01 -11.12
CA PRO A 65 6.41 -15.25 -12.56
C PRO A 65 5.73 -16.59 -12.85
N ASN A 66 5.78 -17.54 -11.93
CA ASN A 66 5.08 -18.81 -12.14
C ASN A 66 3.85 -19.02 -11.26
N ILE A 67 3.35 -17.93 -10.70
CA ILE A 67 2.01 -17.89 -10.15
C ILE A 67 1.15 -16.85 -10.89
N VAL A 68 0.01 -17.26 -11.43
CA VAL A 68 -0.94 -16.33 -12.00
C VAL A 68 -1.07 -15.06 -11.16
N LYS A 69 -1.08 -13.91 -11.84
CA LYS A 69 -1.03 -12.62 -11.14
C LYS A 69 -2.42 -11.99 -11.06
N LEU A 70 -2.87 -11.74 -9.82
CA LEU A 70 -4.09 -11.01 -9.52
C LEU A 70 -3.79 -9.55 -9.70
N LEU A 71 -4.41 -8.92 -10.69
CA LEU A 71 -4.15 -7.53 -11.00
C LEU A 71 -4.96 -6.56 -10.16
N ASP A 72 -6.16 -6.97 -9.77
CA ASP A 72 -7.12 -6.06 -9.20
C ASP A 72 -8.34 -6.80 -8.70
N VAL A 73 -9.03 -6.16 -7.76
CA VAL A 73 -10.31 -6.64 -7.30
C VAL A 73 -11.29 -5.52 -7.43
N ILE A 74 -12.27 -5.67 -8.29
CA ILE A 74 -13.34 -4.68 -8.43
C ILE A 74 -14.54 -5.10 -7.59
N HIS A 75 -14.85 -4.26 -6.62
CA HIS A 75 -15.59 -4.69 -5.46
C HIS A 75 -16.90 -3.96 -5.36
N THR A 76 -17.87 -4.38 -6.18
CA THR A 76 -19.25 -3.89 -6.02
C THR A 76 -19.99 -4.50 -4.76
N GLU A 77 -21.23 -4.07 -4.46
CA GLU A 77 -21.99 -4.73 -3.35
C GLU A 77 -22.78 -6.01 -3.76
N ASN A 78 -23.15 -6.06 -5.05
CA ASN A 78 -23.76 -7.20 -5.75
C ASN A 78 -22.76 -8.27 -6.23
N LYS A 79 -21.66 -7.82 -6.82
CA LYS A 79 -20.74 -8.66 -7.56
C LYS A 79 -19.31 -8.34 -7.16
N LEU A 80 -18.47 -9.37 -7.10
CA LEU A 80 -17.04 -9.24 -6.90
C LEU A 80 -16.34 -9.73 -8.19
N TYR A 81 -15.40 -8.94 -8.70
CA TYR A 81 -14.67 -9.26 -9.96
C TYR A 81 -13.16 -9.37 -9.75
N LEU A 82 -12.57 -10.50 -10.10
CA LEU A 82 -11.14 -10.57 -9.97
C LEU A 82 -10.55 -10.42 -11.34
N VAL A 83 -9.68 -9.43 -11.51
CA VAL A 83 -8.97 -9.23 -12.76
C VAL A 83 -7.63 -9.93 -12.67
N PHE A 84 -7.42 -10.95 -13.52
CA PHE A 84 -6.15 -11.71 -13.61
C PHE A 84 -5.40 -11.47 -14.91
N GLU A 85 -4.09 -11.71 -14.95
CA GLU A 85 -3.42 -11.68 -16.25
C GLU A 85 -3.99 -12.82 -17.12
N PHE A 86 -4.04 -12.61 -18.42
CA PHE A 86 -4.61 -13.61 -19.29
C PHE A 86 -3.58 -14.60 -19.68
N LEU A 87 -3.89 -15.88 -19.62
CA LEU A 87 -2.99 -16.83 -20.21
C LEU A 87 -3.77 -17.57 -21.28
N HIS A 88 -3.09 -18.09 -22.29
CA HIS A 88 -3.73 -18.57 -23.52
C HIS A 88 -4.45 -19.92 -23.49
N GLN A 89 -4.00 -20.85 -22.65
CA GLN A 89 -4.68 -22.13 -22.48
C GLN A 89 -4.11 -22.92 -21.32
N ASP A 90 -4.67 -24.06 -21.00
CA ASP A 90 -4.20 -24.83 -19.87
C ASP A 90 -3.41 -26.04 -20.33
N LEU A 91 -2.75 -26.69 -19.40
CA LEU A 91 -1.87 -27.79 -19.73
C LEU A 91 -2.61 -29.00 -20.31
N LYS A 92 -3.76 -29.34 -19.71
CA LYS A 92 -4.63 -30.41 -20.22
C LYS A 92 -4.98 -30.22 -21.68
N LYS A 93 -5.51 -29.05 -22.02
CA LYS A 93 -5.87 -28.79 -23.40
C LYS A 93 -4.64 -28.83 -24.30
N PHE A 94 -3.45 -28.53 -23.76
CA PHE A 94 -2.21 -28.58 -24.55
C PHE A 94 -1.74 -30.03 -24.81
N MET A 95 -1.78 -30.87 -23.77
CA MET A 95 -1.51 -32.29 -23.91
C MET A 95 -2.40 -32.96 -24.96
N ASP A 96 -3.70 -32.68 -24.95
CA ASP A 96 -4.60 -33.18 -25.99
C ASP A 96 -4.15 -32.83 -27.41
N ALA A 97 -3.81 -31.56 -27.62
CA ALA A 97 -3.32 -31.06 -28.90
C ALA A 97 -1.97 -31.69 -29.32
N SER A 98 -1.13 -32.07 -28.36
CA SER A 98 0.14 -32.74 -28.67
C SER A 98 -0.09 -34.23 -28.94
N ALA A 99 -1.36 -34.64 -28.87
CA ALA A 99 -1.84 -36.04 -29.07
C ALA A 99 -0.97 -36.90 -29.99
N LEU A 100 -0.67 -36.40 -31.19
CA LEU A 100 0.17 -37.07 -32.19
C LEU A 100 1.67 -36.79 -32.05
N THR A 101 2.06 -35.51 -31.93
CA THR A 101 3.46 -35.09 -31.78
C THR A 101 4.15 -35.64 -30.54
N GLY A 102 3.40 -35.74 -29.42
CA GLY A 102 4.02 -35.80 -28.09
C GLY A 102 4.54 -34.41 -27.72
N ILE A 103 4.75 -34.16 -26.42
CA ILE A 103 5.45 -32.94 -26.00
C ILE A 103 6.93 -33.24 -26.00
N PRO A 104 7.72 -32.39 -26.64
CA PRO A 104 9.19 -32.53 -26.69
C PRO A 104 9.84 -32.41 -25.32
N LEU A 105 10.78 -33.30 -25.00
CA LEU A 105 11.43 -33.32 -23.69
C LEU A 105 11.80 -31.94 -23.11
N PRO A 106 12.39 -31.02 -23.88
CA PRO A 106 12.79 -29.69 -23.34
C PRO A 106 11.60 -28.86 -22.90
N LEU A 107 10.44 -29.09 -23.48
CA LEU A 107 9.25 -28.45 -22.97
C LEU A 107 8.74 -29.05 -21.69
N ILE A 108 8.72 -30.36 -21.57
CA ILE A 108 8.40 -31.03 -20.31
C ILE A 108 9.30 -30.57 -19.19
N LYS A 109 10.57 -30.48 -19.51
CA LYS A 109 11.59 -30.09 -18.54
C LYS A 109 11.43 -28.66 -18.02
N SER A 110 11.18 -27.78 -18.97
CA SER A 110 11.01 -26.39 -18.67
C SER A 110 9.76 -26.23 -17.86
N TYR A 111 8.66 -26.82 -18.28
CA TYR A 111 7.41 -26.70 -17.49
C TYR A 111 7.55 -27.28 -16.10
N LEU A 112 8.21 -28.42 -15.98
CA LEU A 112 8.31 -28.97 -14.61
C LEU A 112 9.12 -28.01 -13.74
N PHE A 113 10.23 -27.55 -14.32
CA PHE A 113 11.14 -26.69 -13.60
C PHE A 113 10.36 -25.47 -13.11
N GLN A 114 9.70 -24.79 -14.05
CA GLN A 114 8.86 -23.63 -13.73
C GLN A 114 7.78 -23.95 -12.67
N LEU A 115 7.10 -25.09 -12.82
CA LEU A 115 6.13 -25.49 -11.80
C LEU A 115 6.75 -25.62 -10.40
N LEU A 116 7.94 -26.24 -10.34
CA LEU A 116 8.66 -26.35 -9.08
C LEU A 116 9.06 -24.99 -8.50
N GLN A 117 9.46 -24.04 -9.36
CA GLN A 117 9.64 -22.66 -8.92
C GLN A 117 8.41 -22.03 -8.30
N GLY A 118 7.26 -22.14 -8.93
CA GLY A 118 6.04 -21.55 -8.41
C GLY A 118 5.63 -22.21 -7.10
N LEU A 119 5.73 -23.54 -7.05
CA LEU A 119 5.42 -24.27 -5.81
C LEU A 119 6.35 -23.95 -4.66
N ALA A 120 7.63 -23.96 -4.94
CA ALA A 120 8.62 -23.59 -3.97
C ALA A 120 8.26 -22.24 -3.36
N PHE A 121 7.92 -21.27 -4.23
CA PHE A 121 7.53 -19.95 -3.77
C PHE A 121 6.31 -20.01 -2.89
N CYS A 122 5.28 -20.76 -3.26
CA CYS A 122 4.10 -20.89 -2.40
C CYS A 122 4.45 -21.48 -1.05
N HIS A 123 5.12 -22.64 -1.04
CA HIS A 123 5.53 -23.30 0.19
C HIS A 123 6.37 -22.36 1.09
N SER A 124 7.24 -21.61 0.44
CA SER A 124 8.09 -20.63 1.12
C SER A 124 7.32 -19.55 1.82
N HIS A 125 6.08 -19.35 1.40
CA HIS A 125 5.24 -18.28 1.89
C HIS A 125 4.06 -18.86 2.63
N ARG A 126 4.32 -20.04 3.18
CA ARG A 126 3.38 -20.83 3.94
C ARG A 126 2.01 -21.01 3.27
N VAL A 127 1.99 -21.22 1.96
CA VAL A 127 0.76 -21.52 1.24
C VAL A 127 0.72 -22.92 0.63
N LEU A 128 -0.40 -23.62 0.82
CA LEU A 128 -0.61 -24.93 0.21
C LEU A 128 -1.59 -24.72 -0.93
N HIS A 129 -1.32 -25.31 -2.09
CA HIS A 129 -2.22 -25.12 -3.18
C HIS A 129 -3.42 -26.10 -3.10
N ARG A 130 -3.09 -27.38 -2.93
CA ARG A 130 -4.08 -28.43 -2.75
C ARG A 130 -5.01 -28.72 -3.92
N ASP A 131 -4.69 -28.26 -5.13
CA ASP A 131 -5.48 -28.64 -6.29
C ASP A 131 -4.69 -28.53 -7.61
N LEU A 132 -3.46 -28.96 -7.55
CA LEU A 132 -2.64 -29.03 -8.76
C LEU A 132 -3.13 -30.14 -9.73
N LYS A 133 -3.48 -29.75 -10.93
CA LYS A 133 -3.94 -30.68 -11.94
C LYS A 133 -3.81 -29.90 -13.26
N PRO A 134 -3.74 -30.60 -14.40
CA PRO A 134 -3.48 -29.90 -15.68
C PRO A 134 -4.42 -28.76 -15.99
N GLN A 135 -5.72 -28.88 -15.69
CA GLN A 135 -6.69 -27.82 -15.94
C GLN A 135 -6.33 -26.49 -15.19
N ASN A 136 -5.59 -26.56 -14.09
CA ASN A 136 -5.25 -25.37 -13.30
C ASN A 136 -3.82 -24.88 -13.54
N LEU A 137 -3.11 -25.43 -14.54
CA LEU A 137 -1.74 -25.02 -14.87
C LEU A 137 -1.79 -24.37 -16.25
N LEU A 138 -1.56 -23.07 -16.32
CA LEU A 138 -1.85 -22.27 -17.53
C LEU A 138 -0.59 -21.91 -18.27
N ILE A 139 -0.64 -21.93 -19.60
CA ILE A 139 0.53 -21.66 -20.41
C ILE A 139 0.35 -20.43 -21.30
N ASN A 140 1.43 -19.74 -21.58
CA ASN A 140 1.35 -18.64 -22.51
C ASN A 140 2.16 -18.95 -23.76
N THR A 141 2.20 -18.01 -24.71
CA THR A 141 2.87 -18.28 -25.99
C THR A 141 4.35 -18.01 -25.86
N GLU A 142 4.81 -17.57 -24.70
CA GLU A 142 6.22 -17.28 -24.53
C GLU A 142 7.00 -18.38 -23.81
N GLY A 143 6.32 -19.41 -23.32
CA GLY A 143 6.99 -20.53 -22.68
C GLY A 143 6.74 -20.62 -21.19
N ALA A 144 6.01 -19.64 -20.65
CA ALA A 144 5.64 -19.71 -19.25
C ALA A 144 4.51 -20.72 -18.97
N ILE A 145 4.62 -21.44 -17.86
CA ILE A 145 3.52 -22.13 -17.26
C ILE A 145 3.30 -21.54 -15.84
N LYS A 146 2.06 -21.48 -15.38
CA LYS A 146 1.77 -20.81 -14.13
C LYS A 146 0.69 -21.52 -13.34
N LEU A 147 0.87 -21.52 -12.01
CA LEU A 147 -0.09 -22.10 -11.08
C LEU A 147 -1.26 -21.16 -11.02
N ALA A 148 -2.46 -21.70 -11.22
CA ALA A 148 -3.69 -20.91 -11.05
C ALA A 148 -4.74 -21.64 -10.22
N ASP A 149 -5.84 -20.94 -10.02
CA ASP A 149 -7.00 -21.41 -9.27
C ASP A 149 -6.64 -21.79 -7.84
N PHE A 150 -6.59 -20.75 -6.99
CA PHE A 150 -6.12 -20.84 -5.63
C PHE A 150 -7.33 -20.85 -4.72
N GLY A 151 -8.45 -21.29 -5.25
CA GLY A 151 -9.66 -21.22 -4.45
C GLY A 151 -9.61 -22.29 -3.39
N LEU A 152 -8.85 -23.35 -3.63
CA LEU A 152 -8.74 -24.43 -2.67
C LEU A 152 -7.51 -24.34 -1.75
N ALA A 153 -6.70 -23.30 -1.94
CA ALA A 153 -5.42 -23.12 -1.25
C ALA A 153 -5.59 -22.82 0.21
N ARG A 154 -4.52 -22.89 0.98
CA ARG A 154 -4.59 -22.32 2.32
C ARG A 154 -3.29 -21.92 3.01
N ALA A 155 -3.41 -21.03 3.99
CA ALA A 155 -2.23 -20.57 4.76
C ALA A 155 -2.00 -21.62 5.83
N PHE A 156 -0.80 -22.19 5.88
CA PHE A 156 -0.56 -23.19 6.89
C PHE A 156 0.31 -22.61 7.97
N GLY A 157 0.54 -23.38 9.03
CA GLY A 157 1.37 -22.94 10.13
C GLY A 157 2.49 -23.95 10.26
N VAL A 158 3.49 -23.64 11.07
CA VAL A 158 4.60 -24.53 11.29
C VAL A 158 4.64 -24.87 12.77
N PRO A 159 4.45 -26.14 13.18
CA PRO A 159 4.09 -27.27 12.28
C PRO A 159 2.63 -27.15 11.95
N VAL A 160 2.19 -27.93 10.98
CA VAL A 160 0.80 -27.81 10.51
C VAL A 160 -0.17 -28.33 11.59
N ARG A 161 -1.41 -27.99 11.42
CA ARG A 161 -2.42 -28.68 12.21
C ARG A 161 -3.40 -29.38 11.26
N THR A 162 -4.44 -30.00 11.80
CA THR A 162 -5.41 -30.67 10.94
C THR A 162 -6.13 -29.67 10.09
N TYR A 163 -6.12 -29.89 8.76
CA TYR A 163 -6.85 -29.02 7.79
C TYR A 163 -7.89 -29.86 7.13
N TPO A 164 -8.69 -29.25 6.24
CA TPO A 164 -9.75 -29.99 5.57
CB TPO A 164 -10.24 -29.05 4.46
CG2 TPO A 164 -11.37 -29.74 3.63
OG1 TPO A 164 -10.63 -27.77 5.00
P TPO A 164 -9.84 -26.50 4.70
O1P TPO A 164 -10.54 -25.44 5.51
O2P TPO A 164 -8.42 -26.69 5.10
O3P TPO A 164 -9.96 -26.26 3.21
C TPO A 164 -9.24 -31.29 5.00
O TPO A 164 -8.19 -31.30 4.37
N HIS A 165 -10.01 -32.40 5.21
CA HIS A 165 -9.74 -33.69 4.53
C HIS A 165 -10.09 -33.87 3.02
N GLU A 166 -11.26 -33.41 2.60
CA GLU A 166 -11.74 -33.63 1.21
C GLU A 166 -10.96 -32.74 0.22
N VAL A 167 -9.80 -33.19 -0.25
CA VAL A 167 -8.84 -32.21 -0.79
C VAL A 167 -8.00 -32.74 -1.99
N VAL A 168 -7.76 -31.92 -2.99
CA VAL A 168 -7.04 -32.36 -4.20
C VAL A 168 -7.95 -33.27 -5.03
N THR A 169 -8.08 -32.97 -6.31
CA THR A 169 -8.84 -33.82 -7.21
C THR A 169 -8.27 -35.23 -7.10
N LEU A 170 -9.18 -36.18 -6.93
CA LEU A 170 -8.82 -37.61 -6.84
C LEU A 170 -7.57 -38.10 -7.57
N TRP A 171 -7.44 -37.85 -8.87
CA TRP A 171 -6.35 -38.46 -9.63
C TRP A 171 -4.99 -38.03 -9.14
N TYR A 172 -4.94 -36.87 -8.48
CA TYR A 172 -3.71 -36.16 -8.10
C TYR A 172 -3.54 -36.17 -6.56
N ARG A 173 -4.40 -36.92 -5.89
CA ARG A 173 -4.43 -36.95 -4.43
C ARG A 173 -3.41 -37.91 -3.80
N ALA A 174 -2.56 -37.38 -2.93
CA ALA A 174 -1.47 -38.11 -2.30
C ALA A 174 -2.02 -39.20 -1.40
N PRO A 175 -1.21 -40.25 -1.19
CA PRO A 175 -1.58 -41.37 -0.32
C PRO A 175 -1.84 -40.96 1.10
N GLU A 176 -1.13 -40.00 1.67
CA GLU A 176 -1.40 -39.66 3.05
C GLU A 176 -2.80 -39.06 3.27
N ILE A 177 -3.37 -38.42 2.24
CA ILE A 177 -4.75 -37.93 2.35
C ILE A 177 -5.69 -39.14 2.15
N LEU A 178 -5.45 -39.93 1.09
CA LEU A 178 -6.23 -41.15 0.92
C LEU A 178 -6.29 -42.00 2.21
N LEU A 179 -5.19 -42.10 2.95
CA LEU A 179 -5.14 -42.96 4.15
C LEU A 179 -5.52 -42.26 5.48
N GLY A 180 -6.05 -41.04 5.33
CA GLY A 180 -6.66 -40.31 6.41
C GLY A 180 -5.73 -39.81 7.50
N CYS A 181 -4.46 -39.55 7.17
CA CYS A 181 -3.51 -38.99 8.15
C CYS A 181 -4.06 -37.65 8.65
N LYS A 182 -3.95 -37.35 9.94
CA LYS A 182 -4.53 -36.09 10.45
C LYS A 182 -3.66 -34.84 10.10
N TYR A 183 -2.42 -35.08 9.71
CA TYR A 183 -1.48 -34.07 9.33
C TYR A 183 -1.11 -34.34 7.90
N TYR A 184 -1.30 -33.32 7.07
CA TYR A 184 -0.70 -33.30 5.76
C TYR A 184 0.00 -31.92 5.54
N SER A 185 0.89 -31.89 4.57
CA SER A 185 1.74 -30.76 4.38
C SER A 185 2.05 -30.47 2.90
N THR A 186 3.15 -29.75 2.70
CA THR A 186 3.59 -29.30 1.42
C THR A 186 3.75 -30.51 0.53
N ALA A 187 4.09 -31.67 1.11
CA ALA A 187 4.38 -32.84 0.29
C ALA A 187 3.18 -33.22 -0.60
N VAL A 188 1.97 -32.86 -0.17
CA VAL A 188 0.80 -33.20 -0.98
C VAL A 188 0.86 -32.52 -2.36
N ASP A 189 1.35 -31.28 -2.41
CA ASP A 189 1.44 -30.56 -3.66
C ASP A 189 2.49 -31.20 -4.55
N ILE A 190 3.54 -31.76 -3.95
CA ILE A 190 4.61 -32.41 -4.73
C ILE A 190 4.12 -33.66 -5.44
N TRP A 191 3.36 -34.48 -4.69
CA TRP A 191 2.68 -35.68 -5.23
C TRP A 191 1.96 -35.30 -6.51
N SER A 192 1.05 -34.34 -6.40
CA SER A 192 0.36 -33.83 -7.58
C SER A 192 1.34 -33.52 -8.71
N LEU A 193 2.40 -32.78 -8.43
CA LEU A 193 3.35 -32.43 -9.49
C LEU A 193 4.00 -33.68 -10.10
N GLY A 194 4.39 -34.62 -9.24
CA GLY A 194 4.91 -35.90 -9.70
C GLY A 194 4.00 -36.59 -10.71
N CYS A 195 2.70 -36.62 -10.35
CA CYS A 195 1.66 -37.21 -11.18
C CYS A 195 1.61 -36.51 -12.50
N ILE A 196 1.68 -35.20 -12.48
CA ILE A 196 1.57 -34.37 -13.68
C ILE A 196 2.82 -34.53 -14.54
N PHE A 197 3.95 -34.75 -13.90
CA PHE A 197 5.21 -34.98 -14.61
C PHE A 197 5.00 -36.25 -15.40
N ALA A 198 4.52 -37.31 -14.73
CA ALA A 198 4.26 -38.57 -15.42
C ALA A 198 3.34 -38.26 -16.60
N GLU A 199 2.27 -37.53 -16.31
CA GLU A 199 1.26 -37.22 -17.30
C GLU A 199 1.81 -36.48 -18.49
N MET A 200 2.72 -35.53 -18.30
CA MET A 200 3.23 -34.77 -19.43
C MET A 200 4.02 -35.66 -20.37
N VAL A 201 4.60 -36.72 -19.83
CA VAL A 201 5.41 -37.65 -20.60
C VAL A 201 4.58 -38.67 -21.38
N THR A 202 3.67 -39.37 -20.69
CA THR A 202 2.79 -40.37 -21.32
C THR A 202 1.54 -39.78 -22.01
N ARG A 203 1.19 -38.52 -21.71
CA ARG A 203 -0.06 -37.89 -22.18
C ARG A 203 -1.32 -38.56 -21.64
N ARG A 204 -1.18 -39.34 -20.57
CA ARG A 204 -2.33 -39.94 -19.88
C ARG A 204 -2.16 -40.03 -18.35
N ALA A 205 -3.24 -39.79 -17.60
CA ALA A 205 -3.19 -39.75 -16.14
C ALA A 205 -2.50 -40.97 -15.59
N LEU A 206 -1.64 -40.79 -14.60
CA LEU A 206 -0.89 -41.90 -14.02
C LEU A 206 -1.79 -42.78 -13.15
N PHE A 207 -2.64 -42.19 -12.34
CA PHE A 207 -3.51 -42.95 -11.45
C PHE A 207 -4.96 -42.49 -11.62
N PRO A 208 -5.60 -42.86 -12.75
CA PRO A 208 -6.97 -42.35 -13.02
C PRO A 208 -8.04 -43.13 -12.26
N GLY A 209 -8.09 -43.07 -10.94
CA GLY A 209 -9.05 -43.89 -10.24
C GLY A 209 -10.42 -43.30 -10.25
N ASP A 210 -11.45 -44.09 -9.91
CA ASP A 210 -12.82 -43.54 -9.80
C ASP A 210 -13.34 -43.39 -8.38
N SER A 211 -12.58 -43.88 -7.40
CA SER A 211 -12.99 -43.76 -5.99
C SER A 211 -11.71 -43.84 -5.15
N GLU A 212 -11.81 -43.61 -3.85
CA GLU A 212 -10.59 -43.52 -3.04
C GLU A 212 -9.86 -44.83 -2.84
N ILE A 213 -10.58 -45.93 -2.80
CA ILE A 213 -9.89 -47.21 -2.71
C ILE A 213 -9.31 -47.60 -4.09
N ASP A 214 -10.03 -47.29 -5.18
CA ASP A 214 -9.57 -47.55 -6.53
C ASP A 214 -8.25 -46.78 -6.78
N GLN A 215 -8.27 -45.51 -6.34
CA GLN A 215 -7.09 -44.64 -6.31
C GLN A 215 -5.90 -45.26 -5.52
N LEU A 216 -6.13 -45.64 -4.27
CA LEU A 216 -5.06 -46.31 -3.54
C LEU A 216 -4.56 -47.51 -4.27
N PHE A 217 -5.45 -48.40 -4.71
CA PHE A 217 -4.99 -49.64 -5.31
C PHE A 217 -4.24 -49.37 -6.61
N ARG A 218 -4.60 -48.32 -7.36
CA ARG A 218 -3.86 -48.04 -8.57
C ARG A 218 -2.45 -47.57 -8.23
N ILE A 219 -2.40 -46.71 -7.21
CA ILE A 219 -1.12 -46.25 -6.67
C ILE A 219 -0.29 -47.45 -6.14
N PHE A 220 -0.88 -48.25 -5.24
CA PHE A 220 -0.25 -49.49 -4.78
C PHE A 220 0.26 -50.42 -5.90
N ARG A 221 -0.44 -50.56 -7.00
CA ARG A 221 0.00 -51.52 -8.01
C ARG A 221 1.16 -51.02 -8.81
N THR A 222 1.51 -49.75 -8.70
CA THR A 222 2.59 -49.15 -9.48
C THR A 222 3.80 -49.00 -8.55
N LEU A 223 3.60 -48.41 -7.38
CA LEU A 223 4.70 -48.18 -6.48
C LEU A 223 4.91 -49.32 -5.47
N GLY A 224 4.11 -50.39 -5.56
CA GLY A 224 4.09 -51.49 -4.59
C GLY A 224 3.32 -51.06 -3.37
N THR A 225 2.69 -51.99 -2.67
CA THR A 225 1.99 -51.64 -1.42
C THR A 225 3.03 -51.23 -0.40
N PRO A 226 2.82 -50.16 0.32
CA PRO A 226 3.83 -49.72 1.29
C PRO A 226 3.72 -50.49 2.62
N ASP A 227 4.85 -50.73 3.25
CA ASP A 227 4.79 -51.27 4.62
C ASP A 227 5.58 -50.39 5.59
N GLU A 228 5.91 -50.95 6.75
CA GLU A 228 6.56 -50.18 7.80
C GLU A 228 7.99 -49.91 7.40
N VAL A 229 8.55 -50.77 6.57
CA VAL A 229 9.90 -50.49 6.07
C VAL A 229 9.94 -49.23 5.21
N VAL A 230 9.18 -49.23 4.12
CA VAL A 230 9.18 -48.10 3.21
C VAL A 230 8.56 -46.86 3.87
N TRP A 231 7.64 -47.01 4.82
CA TRP A 231 6.86 -45.87 5.31
C TRP A 231 6.39 -46.10 6.75
N PRO A 232 7.26 -45.83 7.73
CA PRO A 232 6.97 -46.12 9.13
C PRO A 232 5.73 -45.37 9.56
N GLY A 233 4.89 -45.96 10.42
CA GLY A 233 3.58 -45.41 10.67
C GLY A 233 2.42 -45.80 9.71
N VAL A 234 2.65 -46.40 8.52
CA VAL A 234 1.53 -46.63 7.60
C VAL A 234 0.49 -47.47 8.24
N THR A 235 0.91 -48.61 8.78
CA THR A 235 -0.02 -49.63 9.25
C THR A 235 -0.84 -49.13 10.39
N SER A 236 -0.44 -47.99 10.95
CA SER A 236 -1.24 -47.29 11.96
C SER A 236 -2.11 -46.19 11.46
N MET A 237 -2.06 -45.87 10.18
CA MET A 237 -2.90 -44.79 9.67
C MET A 237 -4.40 -45.13 9.64
N PRO A 238 -5.25 -44.15 9.93
CA PRO A 238 -6.68 -44.40 10.14
C PRO A 238 -7.38 -45.19 9.07
N ASP A 239 -7.02 -45.11 7.80
CA ASP A 239 -7.81 -45.83 6.82
C ASP A 239 -7.02 -46.96 6.19
N TYR A 240 -5.96 -47.35 6.89
CA TYR A 240 -5.08 -48.39 6.40
C TYR A 240 -5.71 -49.73 6.75
N LYS A 241 -5.73 -50.64 5.81
CA LYS A 241 -6.34 -51.93 6.16
C LYS A 241 -5.33 -53.02 5.98
N PRO A 242 -5.22 -53.89 6.99
CA PRO A 242 -4.34 -55.06 6.89
C PRO A 242 -4.71 -56.00 5.74
N SER A 243 -5.95 -55.92 5.28
CA SER A 243 -6.41 -56.75 4.17
C SER A 243 -5.99 -56.28 2.75
N PHE A 244 -5.47 -55.04 2.62
CA PHE A 244 -4.95 -54.48 1.35
C PHE A 244 -4.13 -55.51 0.68
N PRO A 245 -4.38 -55.76 -0.60
CA PRO A 245 -3.52 -56.68 -1.35
C PRO A 245 -2.09 -56.14 -1.29
N LYS A 246 -1.09 -56.97 -1.36
CA LYS A 246 0.26 -56.50 -1.16
C LYS A 246 1.04 -56.62 -2.46
N TRP A 247 1.14 -55.56 -3.25
CA TRP A 247 1.69 -55.69 -4.60
C TRP A 247 3.17 -55.38 -4.57
N ALA A 248 3.96 -56.07 -5.38
CA ALA A 248 5.38 -55.79 -5.55
C ALA A 248 5.55 -54.42 -6.18
N ARG A 249 6.61 -53.72 -5.86
CA ARG A 249 6.81 -52.42 -6.48
C ARG A 249 7.23 -52.70 -7.90
N GLN A 250 6.80 -51.87 -8.84
CA GLN A 250 7.26 -51.95 -10.22
C GLN A 250 8.55 -51.08 -10.44
N ASP A 251 9.43 -51.60 -11.29
CA ASP A 251 10.59 -50.92 -11.84
C ASP A 251 10.16 -49.61 -12.53
N PHE A 252 10.73 -48.47 -12.15
CA PHE A 252 10.27 -47.16 -12.68
C PHE A 252 10.41 -47.00 -14.16
N SER A 253 11.33 -47.76 -14.72
CA SER A 253 11.58 -47.66 -16.14
C SER A 253 10.39 -48.17 -16.89
N LYS A 254 9.46 -48.79 -16.19
CA LYS A 254 8.23 -49.28 -16.85
C LYS A 254 7.06 -48.37 -16.55
N VAL A 255 7.10 -47.69 -15.42
CA VAL A 255 6.08 -46.70 -15.15
C VAL A 255 6.02 -45.63 -16.27
N VAL A 256 7.15 -45.04 -16.62
CA VAL A 256 7.16 -43.95 -17.61
C VAL A 256 8.33 -44.23 -18.56
N PRO A 257 8.12 -45.16 -19.49
CA PRO A 257 9.22 -45.69 -20.29
C PRO A 257 10.05 -44.66 -21.06
N PRO A 258 9.51 -43.58 -21.61
CA PRO A 258 10.39 -42.66 -22.35
C PRO A 258 11.37 -41.91 -21.43
N LEU A 259 11.15 -41.89 -20.11
CA LEU A 259 12.01 -41.13 -19.20
C LEU A 259 13.38 -41.74 -19.06
N ASP A 260 14.38 -40.88 -19.18
CA ASP A 260 15.78 -41.20 -18.94
C ASP A 260 16.07 -41.44 -17.42
N GLU A 261 17.31 -41.75 -17.07
CA GLU A 261 17.74 -42.00 -15.67
C GLU A 261 17.50 -40.85 -14.65
N ASP A 262 17.75 -39.62 -15.08
CA ASP A 262 17.56 -38.44 -14.24
C ASP A 262 16.07 -38.16 -13.99
N GLY A 263 15.30 -38.19 -15.10
CA GLY A 263 13.85 -38.11 -15.05
C GLY A 263 13.28 -39.06 -14.03
N ARG A 264 13.70 -40.31 -14.11
CA ARG A 264 13.14 -41.37 -13.27
C ARG A 264 13.50 -41.16 -11.85
N SER A 265 14.76 -40.80 -11.61
CA SER A 265 15.24 -40.53 -10.28
C SER A 265 14.35 -39.47 -9.67
N LEU A 266 14.08 -38.42 -10.47
CA LEU A 266 13.29 -37.28 -9.99
C LEU A 266 11.87 -37.71 -9.64
N LEU A 267 11.21 -38.39 -10.58
CA LEU A 267 9.84 -38.79 -10.36
C LEU A 267 9.78 -39.64 -9.10
N SER A 268 10.72 -40.57 -8.93
CA SER A 268 10.63 -41.43 -7.74
C SER A 268 10.73 -40.64 -6.46
N GLN A 269 11.57 -39.62 -6.43
CA GLN A 269 11.62 -38.75 -5.25
C GLN A 269 10.33 -37.95 -5.08
N MET A 270 9.74 -37.57 -6.20
CA MET A 270 8.47 -36.84 -6.17
C MET A 270 7.29 -37.73 -5.73
N LEU A 271 7.48 -39.05 -5.84
CA LEU A 271 6.43 -40.03 -5.53
C LEU A 271 6.74 -40.97 -4.37
N HIS A 272 7.69 -40.60 -3.53
CA HIS A 272 7.97 -41.38 -2.34
C HIS A 272 6.70 -41.42 -1.46
N TYR A 273 6.35 -42.60 -0.96
CA TYR A 273 5.24 -42.72 -0.04
C TYR A 273 5.29 -41.82 1.19
N ASP A 274 6.43 -41.83 1.86
CA ASP A 274 6.56 -41.12 3.12
C ASP A 274 6.70 -39.61 2.87
N PRO A 275 5.76 -38.79 3.32
CA PRO A 275 5.80 -37.36 3.04
C PRO A 275 7.16 -36.75 3.47
N ASN A 276 7.69 -37.21 4.60
CA ASN A 276 8.97 -36.74 5.06
C ASN A 276 10.14 -37.04 4.12
N LYS A 277 10.10 -38.14 3.38
CA LYS A 277 11.18 -38.36 2.43
C LYS A 277 10.91 -37.81 1.06
N ARG A 278 9.67 -37.48 0.74
CA ARG A 278 9.32 -36.91 -0.56
C ARG A 278 10.07 -35.60 -0.77
N ILE A 279 10.70 -35.47 -1.92
CA ILE A 279 11.45 -34.28 -2.18
C ILE A 279 10.62 -33.00 -2.06
N SER A 280 11.30 -31.90 -1.69
CA SER A 280 10.68 -30.59 -1.58
C SER A 280 10.79 -29.87 -2.95
N ALA A 281 9.96 -28.85 -3.19
CA ALA A 281 10.05 -28.15 -4.47
C ALA A 281 11.41 -27.47 -4.60
N LYS A 282 11.81 -26.80 -3.52
CA LYS A 282 13.13 -26.17 -3.31
C LYS A 282 14.25 -27.13 -3.70
N ALA A 283 14.31 -28.30 -3.04
CA ALA A 283 15.36 -29.29 -3.35
C ALA A 283 15.28 -29.76 -4.78
N ALA A 284 14.06 -29.98 -5.29
CA ALA A 284 13.89 -30.55 -6.63
C ALA A 284 14.51 -29.68 -7.70
N LEU A 285 14.69 -28.37 -7.43
CA LEU A 285 15.19 -27.45 -8.47
C LEU A 285 16.66 -27.71 -8.89
N ALA A 286 17.40 -28.37 -8.01
CA ALA A 286 18.82 -28.55 -8.18
C ALA A 286 19.10 -29.94 -8.69
N HIS A 287 18.04 -30.65 -9.03
CA HIS A 287 18.17 -32.03 -9.45
C HIS A 287 18.82 -32.08 -10.84
N PRO A 288 19.70 -33.05 -11.06
CA PRO A 288 20.44 -33.17 -12.34
C PRO A 288 19.51 -33.32 -13.58
N PHE A 289 18.28 -33.81 -13.37
CA PHE A 289 17.32 -33.70 -14.46
C PHE A 289 17.31 -32.31 -15.11
N PHE A 290 17.50 -31.24 -14.31
CA PHE A 290 17.34 -29.87 -14.86
C PHE A 290 18.65 -29.21 -15.35
N GLN A 291 19.71 -29.97 -15.52
CA GLN A 291 21.00 -29.34 -15.70
C GLN A 291 21.08 -28.64 -17.04
N ASP A 292 20.39 -29.15 -18.04
CA ASP A 292 20.48 -28.49 -19.35
C ASP A 292 19.22 -27.71 -19.73
N VAL A 293 18.41 -27.37 -18.73
CA VAL A 293 17.06 -26.86 -18.92
C VAL A 293 17.08 -25.53 -19.65
N THR A 294 16.08 -25.30 -20.49
CA THR A 294 15.95 -24.01 -21.11
C THR A 294 14.47 -23.55 -20.98
N LYS A 295 14.04 -22.60 -21.77
CA LYS A 295 12.66 -22.19 -21.69
C LYS A 295 12.10 -21.98 -23.09
N PRO A 296 11.91 -23.07 -23.84
CA PRO A 296 11.46 -22.91 -25.22
C PRO A 296 10.01 -22.48 -25.13
N VAL A 297 9.60 -21.86 -26.22
CA VAL A 297 8.25 -21.43 -26.50
C VAL A 297 7.44 -22.69 -26.85
N PRO A 298 6.13 -22.71 -26.59
CA PRO A 298 5.42 -23.95 -26.87
C PRO A 298 5.32 -24.16 -28.36
N HIS A 299 5.75 -25.39 -28.79
CA HIS A 299 5.82 -25.81 -30.17
C HIS A 299 4.47 -25.71 -30.88
N LEU A 300 3.46 -25.21 -30.19
CA LEU A 300 2.14 -25.14 -30.78
C LEU A 300 1.31 -23.99 -30.37
N ARG A 301 0.47 -23.66 -31.35
CA ARG A 301 -0.79 -22.89 -31.28
C ARG A 301 -0.62 -21.87 -32.38
N TYR B 6 10.92 -25.76 5.16
CA TYR B 6 10.53 -24.36 4.90
C TYR B 6 10.50 -23.47 6.13
N HIS B 7 10.96 -24.04 7.25
CA HIS B 7 10.79 -23.49 8.59
C HIS B 7 11.43 -22.12 8.70
N GLU B 8 12.63 -21.97 8.16
CA GLU B 8 13.32 -20.66 8.24
C GLU B 8 12.78 -19.61 7.25
N ASP B 9 12.48 -20.04 6.02
CA ASP B 9 11.84 -19.18 5.04
C ASP B 9 10.54 -18.66 5.59
N ILE B 10 9.72 -19.52 6.21
CA ILE B 10 8.41 -19.07 6.68
C ILE B 10 8.58 -18.05 7.79
N HIS B 11 9.53 -18.34 8.70
CA HIS B 11 9.77 -17.50 9.85
C HIS B 11 10.27 -16.12 9.37
N THR B 12 11.23 -16.13 8.48
CA THR B 12 11.63 -14.89 7.88
C THR B 12 10.46 -14.14 7.22
N TYR B 13 9.61 -14.82 6.47
CA TYR B 13 8.52 -14.15 5.80
C TYR B 13 7.55 -13.57 6.79
N LEU B 14 7.37 -14.27 7.90
CA LEU B 14 6.40 -13.80 8.86
C LEU B 14 6.94 -12.61 9.63
N ARG B 15 8.23 -12.60 9.85
CA ARG B 15 8.85 -11.46 10.51
C ARG B 15 8.67 -10.20 9.70
N GLU B 16 8.73 -10.31 8.37
CA GLU B 16 8.49 -9.17 7.48
C GLU B 16 7.03 -8.77 7.53
N MET B 17 6.09 -9.70 7.33
CA MET B 17 4.65 -9.36 7.32
C MET B 17 4.11 -8.72 8.60
N GLU B 18 4.59 -9.21 9.77
CA GLU B 18 4.06 -8.77 11.04
C GLU B 18 4.31 -7.27 11.19
N VAL B 19 5.35 -6.75 10.55
CA VAL B 19 5.57 -5.32 10.55
C VAL B 19 4.52 -4.67 9.67
N LYS B 20 4.33 -5.20 8.47
CA LYS B 20 3.41 -4.57 7.55
C LYS B 20 1.96 -4.68 8.01
N CYS B 21 1.68 -5.61 8.94
CA CYS B 21 0.33 -6.05 9.34
C CYS B 21 0.02 -5.48 10.71
N LYS B 22 0.99 -4.74 11.23
CA LYS B 22 0.87 -4.10 12.54
C LYS B 22 -0.08 -2.92 12.62
N PRO B 23 -1.04 -2.96 13.55
CA PRO B 23 -1.96 -1.82 13.77
C PRO B 23 -1.24 -0.56 14.22
N LYS B 24 -1.88 0.60 14.08
CA LYS B 24 -1.31 1.86 14.63
C LYS B 24 -1.35 1.89 16.14
N VAL B 25 -0.16 1.85 16.75
CA VAL B 25 0.00 1.89 18.21
C VAL B 25 -0.86 2.95 18.93
N GLY B 26 -1.06 4.10 18.31
CA GLY B 26 -1.78 5.16 19.00
C GLY B 26 -3.30 5.11 18.94
N TYR B 27 -3.87 4.23 18.13
CA TYR B 27 -5.15 4.50 17.51
C TYR B 27 -6.22 4.89 18.50
N MET B 28 -6.18 4.36 19.71
CA MET B 28 -7.32 4.57 20.62
C MET B 28 -7.48 6.03 21.06
N LYS B 29 -6.35 6.70 21.23
CA LYS B 29 -6.31 8.12 21.47
C LYS B 29 -6.99 8.92 20.33
N LYS B 30 -6.98 8.40 19.11
CA LYS B 30 -7.63 9.08 18.01
C LYS B 30 -9.12 8.70 17.86
N GLN B 31 -9.63 7.77 18.67
CA GLN B 31 -11.05 7.39 18.54
C GLN B 31 -11.87 8.27 19.45
N PRO B 32 -12.78 9.08 18.90
CA PRO B 32 -13.60 9.97 19.74
C PRO B 32 -14.41 9.18 20.75
N ASP B 33 -15.02 8.09 20.33
CA ASP B 33 -16.05 7.45 21.15
C ASP B 33 -15.78 6.09 21.87
N ILE B 34 -14.66 5.45 21.59
CA ILE B 34 -14.40 4.14 22.18
C ILE B 34 -13.08 4.21 22.95
N THR B 35 -12.91 3.32 23.93
CA THR B 35 -11.76 3.33 24.83
C THR B 35 -11.12 1.96 24.87
N ASN B 36 -9.85 1.92 25.28
CA ASN B 36 -9.14 0.67 25.54
C ASN B 36 -9.96 -0.34 26.30
N SER B 37 -10.75 0.15 27.24
CA SER B 37 -11.51 -0.71 28.10
C SER B 37 -12.72 -1.29 27.36
N MET B 38 -13.36 -0.51 26.48
CA MET B 38 -14.41 -1.11 25.63
C MET B 38 -13.88 -2.16 24.60
N ARG B 39 -12.65 -1.99 24.14
CA ARG B 39 -12.04 -3.00 23.27
C ARG B 39 -11.80 -4.31 24.05
N ALA B 40 -11.37 -4.18 25.30
CA ALA B 40 -11.14 -5.31 26.17
C ALA B 40 -12.41 -6.14 26.37
N ILE B 41 -13.53 -5.47 26.68
CA ILE B 41 -14.85 -6.10 26.72
C ILE B 41 -15.10 -6.88 25.43
N LEU B 42 -14.94 -6.22 24.28
CA LEU B 42 -15.14 -6.88 22.99
C LEU B 42 -14.28 -8.12 22.81
N VAL B 43 -12.98 -7.99 23.09
CA VAL B 43 -12.07 -9.12 22.90
C VAL B 43 -12.45 -10.27 23.84
N ASP B 44 -12.78 -9.90 25.08
CA ASP B 44 -13.20 -10.89 26.09
C ASP B 44 -14.43 -11.64 25.60
N TRP B 45 -15.40 -10.90 25.07
CA TRP B 45 -16.54 -11.51 24.39
C TRP B 45 -16.15 -12.48 23.21
N LEU B 46 -15.10 -12.10 22.46
CA LEU B 46 -14.70 -12.90 21.31
C LEU B 46 -14.20 -14.24 21.78
N VAL B 47 -13.45 -14.20 22.87
CA VAL B 47 -13.01 -15.39 23.58
C VAL B 47 -14.20 -16.30 23.90
N GLU B 48 -15.28 -15.75 24.48
CA GLU B 48 -16.50 -16.56 24.67
C GLU B 48 -17.09 -17.16 23.38
N VAL B 49 -17.26 -16.32 22.35
CA VAL B 49 -17.69 -16.83 21.05
C VAL B 49 -16.83 -18.03 20.58
N GLY B 50 -15.52 -17.95 20.73
CA GLY B 50 -14.60 -18.98 20.27
C GLY B 50 -14.77 -20.30 20.99
N GLU B 51 -15.09 -20.20 22.28
CA GLU B 51 -15.28 -21.36 23.16
C GLU B 51 -16.64 -22.01 22.92
N GLU B 52 -17.66 -21.16 22.87
CA GLU B 52 -18.97 -21.58 22.43
C GLU B 52 -18.91 -22.35 21.12
N TYR B 53 -18.24 -21.82 20.09
CA TYR B 53 -18.20 -22.48 18.79
C TYR B 53 -16.98 -23.37 18.56
N LYS B 54 -16.19 -23.53 19.61
CA LYS B 54 -15.01 -24.40 19.60
C LYS B 54 -14.05 -24.04 18.42
N LEU B 55 -13.78 -22.73 18.29
CA LEU B 55 -12.99 -22.19 17.20
C LEU B 55 -11.53 -22.34 17.56
N GLN B 56 -10.66 -22.36 16.56
CA GLN B 56 -9.23 -22.47 16.80
C GLN B 56 -8.78 -21.21 17.51
N ASN B 57 -7.70 -21.30 18.28
CA ASN B 57 -7.09 -20.11 18.86
C ASN B 57 -6.54 -19.16 17.80
N GLU B 58 -6.04 -19.69 16.69
CA GLU B 58 -5.56 -18.84 15.61
C GLU B 58 -6.64 -17.87 15.11
N THR B 59 -7.84 -18.40 14.90
CA THR B 59 -9.03 -17.63 14.51
C THR B 59 -9.23 -16.42 15.38
N LEU B 60 -9.13 -16.60 16.69
CA LEU B 60 -9.38 -15.48 17.61
C LEU B 60 -8.30 -14.39 17.42
N HIS B 61 -7.04 -14.84 17.45
CA HIS B 61 -5.91 -14.00 17.14
C HIS B 61 -6.07 -13.20 15.84
N LEU B 62 -6.58 -13.83 14.79
CA LEU B 62 -6.73 -13.14 13.53
C LEU B 62 -7.78 -12.07 13.68
N ALA B 63 -8.88 -12.38 14.36
CA ALA B 63 -9.99 -11.42 14.51
C ALA B 63 -9.51 -10.15 15.18
N VAL B 64 -8.67 -10.32 16.20
CA VAL B 64 -8.22 -9.20 16.98
C VAL B 64 -7.33 -8.34 16.10
N ASN B 65 -6.49 -8.98 15.29
CA ASN B 65 -5.65 -8.26 14.29
C ASN B 65 -6.49 -7.43 13.31
N TYR B 66 -7.58 -8.02 12.82
CA TYR B 66 -8.51 -7.35 11.91
C TYR B 66 -9.17 -6.14 12.61
N ILE B 67 -9.48 -6.27 13.90
CA ILE B 67 -10.29 -5.26 14.54
C ILE B 67 -9.36 -4.09 14.77
N ASP B 68 -8.15 -4.37 15.21
CA ASP B 68 -7.21 -3.30 15.48
C ASP B 68 -6.82 -2.49 14.24
N ARG B 69 -6.72 -3.17 13.11
CA ARG B 69 -6.35 -2.56 11.85
C ARG B 69 -7.49 -1.77 11.30
N PHE B 70 -8.69 -2.31 11.45
CA PHE B 70 -9.87 -1.61 11.00
C PHE B 70 -10.02 -0.35 11.85
N LEU B 71 -9.76 -0.49 13.14
CA LEU B 71 -9.93 0.60 14.06
C LEU B 71 -8.79 1.58 13.97
N SER B 72 -7.73 1.21 13.29
CA SER B 72 -6.59 2.12 13.10
C SER B 72 -6.94 3.20 12.10
N SER B 73 -7.88 2.91 11.23
CA SER B 73 -8.24 3.90 10.21
C SER B 73 -9.72 4.26 10.14
N MET B 74 -10.58 3.50 10.79
CA MET B 74 -12.00 3.87 10.80
C MET B 74 -12.45 4.26 12.18
N SER B 75 -13.14 5.38 12.21
CA SER B 75 -13.60 5.93 13.44
C SER B 75 -14.95 5.25 13.68
N VAL B 76 -15.18 4.73 14.90
CA VAL B 76 -16.39 3.92 15.14
C VAL B 76 -17.13 4.37 16.41
N LEU B 77 -18.46 4.42 16.37
CA LEU B 77 -19.26 4.60 17.58
C LEU B 77 -19.47 3.33 18.45
N ARG B 78 -19.49 3.51 19.75
CA ARG B 78 -19.63 2.39 20.67
C ARG B 78 -20.81 1.39 20.41
N GLY B 79 -21.93 1.91 19.93
CA GLY B 79 -23.01 1.07 19.46
C GLY B 79 -22.69 0.13 18.30
N LYS B 80 -21.60 0.39 17.58
CA LYS B 80 -21.19 -0.42 16.44
C LYS B 80 -19.98 -1.29 16.68
N LEU B 81 -19.33 -1.14 17.83
CA LEU B 81 -18.02 -1.76 18.01
C LEU B 81 -18.17 -3.25 17.88
N GLN B 82 -19.31 -3.76 18.36
CA GLN B 82 -19.62 -5.19 18.37
C GLN B 82 -19.91 -5.67 16.94
N LEU B 83 -20.50 -4.78 16.13
CA LEU B 83 -20.75 -5.12 14.74
C LEU B 83 -19.44 -5.40 14.02
N VAL B 84 -18.47 -4.55 14.27
CA VAL B 84 -17.18 -4.70 13.68
C VAL B 84 -16.59 -6.03 14.14
N GLY B 85 -16.68 -6.29 15.45
CA GLY B 85 -16.09 -7.49 16.00
C GLY B 85 -16.74 -8.72 15.42
N THR B 86 -18.06 -8.70 15.29
CA THR B 86 -18.72 -9.86 14.73
C THR B 86 -18.23 -10.21 13.34
N ALA B 87 -18.17 -9.19 12.45
CA ALA B 87 -17.75 -9.39 11.08
C ALA B 87 -16.31 -9.85 11.08
N ALA B 88 -15.48 -9.24 11.93
CA ALA B 88 -14.08 -9.63 11.98
C ALA B 88 -13.98 -11.13 12.29
N MET B 89 -14.74 -11.59 13.28
CA MET B 89 -14.72 -12.97 13.70
C MET B 89 -15.27 -13.83 12.60
N LEU B 90 -16.26 -13.31 11.85
CA LEU B 90 -16.82 -14.05 10.72
C LEU B 90 -15.77 -14.31 9.62
N LEU B 91 -15.10 -13.24 9.22
CA LEU B 91 -14.02 -13.31 8.26
C LEU B 91 -12.89 -14.21 8.75
N ALA B 92 -12.47 -14.08 10.02
CA ALA B 92 -11.44 -14.97 10.55
C ALA B 92 -11.86 -16.46 10.46
N SER B 93 -13.11 -16.77 10.81
CA SER B 93 -13.60 -18.11 10.72
C SER B 93 -13.60 -18.63 9.30
N LYS B 94 -14.11 -17.81 8.39
CA LYS B 94 -14.09 -18.16 6.98
C LYS B 94 -12.67 -18.39 6.48
N PHE B 95 -11.66 -17.68 7.01
CA PHE B 95 -10.30 -17.84 6.53
C PHE B 95 -9.68 -19.12 7.11
N GLU B 96 -9.81 -19.25 8.42
CA GLU B 96 -9.02 -20.16 9.23
C GLU B 96 -9.65 -21.53 9.52
N GLU B 97 -10.98 -21.58 9.70
CA GLU B 97 -11.66 -22.80 10.15
C GLU B 97 -12.01 -23.75 8.98
N ILE B 98 -11.98 -25.05 9.25
CA ILE B 98 -12.48 -26.04 8.32
C ILE B 98 -14.00 -25.87 8.20
N TYR B 99 -14.65 -25.64 9.33
CA TYR B 99 -16.10 -25.47 9.42
C TYR B 99 -16.44 -24.18 10.13
N PRO B 100 -16.47 -23.09 9.38
CA PRO B 100 -16.89 -21.82 9.97
C PRO B 100 -18.36 -21.89 10.39
N PRO B 101 -18.71 -21.36 11.56
CA PRO B 101 -20.11 -21.04 11.89
C PRO B 101 -20.76 -20.29 10.76
N GLU B 102 -22.07 -20.43 10.63
CA GLU B 102 -22.78 -19.78 9.54
C GLU B 102 -23.16 -18.39 9.94
N VAL B 103 -23.37 -17.54 8.94
CA VAL B 103 -23.72 -16.16 9.22
C VAL B 103 -24.77 -16.07 10.33
N ALA B 104 -25.79 -16.93 10.24
CA ALA B 104 -26.93 -17.01 11.18
C ALA B 104 -26.47 -17.14 12.61
N GLU B 105 -25.54 -18.06 12.83
CA GLU B 105 -24.98 -18.23 14.16
C GLU B 105 -24.33 -16.95 14.69
N PHE B 106 -23.65 -16.19 13.84
CA PHE B 106 -23.09 -14.90 14.27
C PHE B 106 -24.16 -13.87 14.61
N VAL B 107 -25.20 -13.77 13.75
CA VAL B 107 -26.35 -12.87 14.02
C VAL B 107 -26.96 -13.16 15.39
N TYR B 108 -27.10 -14.45 15.68
CA TYR B 108 -27.70 -14.92 16.89
C TYR B 108 -26.89 -14.60 18.13
N ILE B 109 -25.56 -14.81 18.11
CA ILE B 109 -24.71 -14.47 19.28
C ILE B 109 -24.67 -12.97 19.65
N THR B 110 -25.00 -12.09 18.71
CA THR B 110 -24.97 -10.65 18.99
C THR B 110 -26.28 -10.14 19.63
N THR B 113 -28.76 -6.83 19.16
CA THR B 113 -29.04 -7.20 17.78
C THR B 113 -28.72 -6.14 16.73
N TYR B 114 -28.25 -6.75 15.66
CA TYR B 114 -27.95 -6.16 14.43
C TYR B 114 -28.58 -7.18 13.46
N THR B 115 -28.92 -6.77 12.27
CA THR B 115 -29.44 -7.75 11.36
C THR B 115 -28.31 -8.47 10.64
N LYS B 116 -28.65 -9.63 10.09
CA LYS B 116 -27.84 -10.31 9.08
C LYS B 116 -27.34 -9.36 7.97
N LYS B 117 -28.23 -8.50 7.45
CA LYS B 117 -27.82 -7.54 6.44
C LYS B 117 -26.70 -6.63 6.94
N GLN B 118 -26.81 -6.18 8.18
CA GLN B 118 -25.75 -5.41 8.80
C GLN B 118 -24.37 -6.12 8.92
N VAL B 119 -24.45 -7.41 9.24
CA VAL B 119 -23.27 -8.19 9.55
C VAL B 119 -22.50 -8.37 8.25
N LEU B 120 -23.27 -8.64 7.20
CA LEU B 120 -22.74 -8.92 5.89
C LEU B 120 -22.16 -7.65 5.21
N ARG B 121 -22.87 -6.55 5.40
CA ARG B 121 -22.41 -5.25 4.93
C ARG B 121 -21.13 -4.82 5.65
N MET B 122 -21.06 -5.10 6.95
CA MET B 122 -19.87 -4.80 7.72
C MET B 122 -18.70 -5.66 7.23
N GLU B 123 -19.00 -6.93 6.90
CA GLU B 123 -18.01 -7.90 6.45
C GLU B 123 -17.30 -7.34 5.20
N HIS B 124 -18.12 -6.86 4.29
CA HIS B 124 -17.61 -6.32 3.06
C HIS B 124 -16.84 -5.02 3.36
N LEU B 125 -17.39 -4.19 4.23
CA LEU B 125 -16.63 -3.00 4.65
C LEU B 125 -15.25 -3.37 5.19
N VAL B 126 -15.19 -4.37 6.06
CA VAL B 126 -13.90 -4.77 6.65
C VAL B 126 -12.94 -5.29 5.61
N LEU B 127 -13.43 -6.04 4.64
CA LEU B 127 -12.58 -6.47 3.55
C LEU B 127 -11.99 -5.32 2.77
N LYS B 128 -12.79 -4.28 2.51
CA LYS B 128 -12.34 -3.13 1.74
C LYS B 128 -11.31 -2.41 2.58
N VAL B 129 -11.60 -2.22 3.86
CA VAL B 129 -10.72 -1.40 4.67
C VAL B 129 -9.37 -2.11 4.83
N LEU B 130 -9.40 -3.44 4.90
CA LEU B 130 -8.21 -4.23 5.05
C LEU B 130 -7.62 -4.55 3.65
N THR B 131 -8.27 -4.03 2.60
CA THR B 131 -8.01 -4.39 1.20
C THR B 131 -7.73 -5.88 0.99
N PHE B 132 -8.53 -6.71 1.68
CA PHE B 132 -8.43 -8.16 1.64
C PHE B 132 -7.11 -8.73 2.21
N ASP B 133 -6.31 -7.96 2.92
CA ASP B 133 -5.10 -8.59 3.42
C ASP B 133 -5.33 -9.34 4.74
N LEU B 134 -5.85 -10.56 4.69
CA LEU B 134 -6.26 -11.28 5.89
C LEU B 134 -5.23 -12.26 6.48
N ALA B 135 -4.19 -12.58 5.71
CA ALA B 135 -3.24 -13.59 6.12
C ALA B 135 -2.16 -12.94 6.98
N ALA B 136 -2.59 -12.40 8.11
CA ALA B 136 -1.72 -11.76 9.07
C ALA B 136 -1.02 -12.73 10.00
N PRO B 137 0.26 -12.50 10.23
CA PRO B 137 0.99 -13.23 11.31
C PRO B 137 0.38 -12.96 12.69
N THR B 138 0.41 -13.94 13.60
CA THR B 138 -0.20 -13.82 14.95
C THR B 138 0.73 -14.33 16.04
N VAL B 139 0.39 -14.05 17.30
CA VAL B 139 1.27 -14.51 18.38
C VAL B 139 1.32 -16.02 18.35
N ASN B 140 0.15 -16.59 18.13
CA ASN B 140 -0.01 -18.00 17.97
C ASN B 140 0.89 -18.61 16.87
N GLN B 141 0.90 -18.07 15.66
CA GLN B 141 1.81 -18.64 14.65
C GLN B 141 3.25 -18.60 15.09
N PHE B 142 3.69 -17.55 15.81
CA PHE B 142 5.07 -17.54 16.30
C PHE B 142 5.32 -18.59 17.37
N LEU B 143 4.43 -18.71 18.36
CA LEU B 143 4.62 -19.58 19.54
C LEU B 143 4.87 -21.02 19.08
N THR B 144 3.97 -21.44 18.22
CA THR B 144 3.94 -22.77 17.62
C THR B 144 5.31 -23.16 17.04
N GLN B 145 5.98 -22.20 16.41
CA GLN B 145 7.33 -22.38 15.92
C GLN B 145 8.34 -22.43 17.06
N TYR B 146 8.16 -21.54 18.04
CA TYR B 146 9.04 -21.50 19.17
C TYR B 146 8.95 -22.85 19.93
N PHE B 147 7.74 -23.40 20.01
CA PHE B 147 7.54 -24.64 20.73
C PHE B 147 8.47 -25.77 20.24
N LEU B 148 8.80 -25.76 18.96
CA LEU B 148 9.64 -26.82 18.43
C LEU B 148 11.04 -26.81 19.04
N HIS B 149 11.36 -25.81 19.85
CA HIS B 149 12.67 -25.76 20.46
C HIS B 149 12.67 -26.22 21.90
N GLN B 150 11.60 -26.90 22.32
CA GLN B 150 11.62 -27.36 23.68
C GLN B 150 12.33 -28.70 23.74
N GLN B 151 13.15 -28.85 24.79
CA GLN B 151 13.82 -30.12 25.07
C GLN B 151 13.60 -30.75 26.48
N PRO B 152 12.65 -31.70 26.61
CA PRO B 152 11.74 -32.10 25.54
C PRO B 152 10.46 -31.26 25.59
N ALA B 153 9.49 -31.61 24.74
CA ALA B 153 8.21 -30.92 24.70
C ALA B 153 7.50 -31.09 26.04
N ASN B 154 6.90 -30.03 26.52
CA ASN B 154 6.12 -30.05 27.74
C ASN B 154 4.79 -29.33 27.44
N CYS B 155 3.68 -30.04 27.68
CA CYS B 155 2.34 -29.60 27.32
C CYS B 155 1.87 -28.41 28.12
N LYS B 156 2.32 -28.33 29.37
CA LYS B 156 1.93 -27.26 30.26
C LYS B 156 2.60 -25.98 29.81
N VAL B 157 3.88 -26.07 29.39
CA VAL B 157 4.56 -24.92 28.83
C VAL B 157 3.80 -24.37 27.64
N GLU B 158 3.45 -25.24 26.70
CA GLU B 158 2.72 -24.78 25.51
C GLU B 158 1.43 -24.10 25.94
N SER B 159 0.58 -24.81 26.67
CA SER B 159 -0.68 -24.22 27.06
C SER B 159 -0.52 -22.94 27.86
N LEU B 160 0.46 -22.87 28.75
CA LEU B 160 0.67 -21.65 29.54
C LEU B 160 1.08 -20.45 28.65
N ALA B 161 2.03 -20.70 27.73
CA ALA B 161 2.41 -19.73 26.70
C ALA B 161 1.20 -19.25 25.91
N MET B 162 0.41 -20.18 25.40
CA MET B 162 -0.79 -19.77 24.68
C MET B 162 -1.71 -18.91 25.51
N PHE B 163 -1.87 -19.30 26.77
CA PHE B 163 -2.67 -18.53 27.72
C PHE B 163 -2.14 -17.05 27.85
N LEU B 164 -0.86 -16.90 28.09
CA LEU B 164 -0.34 -15.57 28.27
C LEU B 164 -0.44 -14.77 26.97
N GLY B 165 -0.07 -15.41 25.85
CA GLY B 165 -0.24 -14.80 24.52
C GLY B 165 -1.66 -14.30 24.38
N GLU B 166 -2.62 -15.17 24.58
CA GLU B 166 -3.99 -14.74 24.58
C GLU B 166 -4.28 -13.57 25.56
N LEU B 167 -3.68 -13.61 26.77
CA LEU B 167 -4.04 -12.59 27.73
C LEU B 167 -3.74 -11.21 27.13
N SER B 168 -2.57 -11.05 26.51
CA SER B 168 -2.21 -9.85 25.77
C SER B 168 -3.21 -9.29 24.73
N LEU B 169 -4.07 -10.11 24.15
CA LEU B 169 -5.05 -9.58 23.21
C LEU B 169 -5.98 -8.58 23.93
N ILE B 170 -6.16 -8.79 25.21
CA ILE B 170 -7.20 -8.07 25.88
C ILE B 170 -6.79 -6.62 26.11
N ASP B 171 -5.51 -6.35 26.39
CA ASP B 171 -5.10 -5.00 26.77
C ASP B 171 -4.29 -4.23 25.69
N ALA B 172 -5.01 -3.40 24.92
CA ALA B 172 -4.40 -2.53 23.90
C ALA B 172 -3.22 -1.74 24.44
N ASP B 173 -3.38 -1.23 25.66
CA ASP B 173 -2.27 -0.63 26.38
C ASP B 173 -1.90 -1.63 27.47
N PRO B 174 -0.70 -2.19 27.44
CA PRO B 174 0.37 -1.80 26.53
C PRO B 174 0.56 -2.62 25.24
N TYR B 175 -0.22 -3.65 24.89
CA TYR B 175 0.33 -4.63 23.95
C TYR B 175 0.33 -4.24 22.48
N LEU B 176 -0.46 -3.25 22.12
CA LEU B 176 -0.37 -2.74 20.78
C LEU B 176 1.06 -2.35 20.43
N LYS B 177 1.87 -1.93 21.40
CA LYS B 177 3.24 -1.54 21.05
C LYS B 177 4.19 -2.64 20.71
N TYR B 178 3.82 -3.89 20.97
CA TYR B 178 4.71 -5.00 20.65
C TYR B 178 4.20 -5.89 19.51
N LEU B 179 5.15 -6.44 18.77
CA LEU B 179 4.89 -7.23 17.55
C LEU B 179 4.59 -8.64 18.03
N PRO B 180 3.82 -9.41 17.27
CA PRO B 180 3.50 -10.78 17.63
C PRO B 180 4.72 -11.58 17.99
N SER B 181 5.82 -11.41 17.26
CA SER B 181 6.94 -12.31 17.50
C SER B 181 7.58 -12.02 18.84
N VAL B 182 7.45 -10.77 19.32
CA VAL B 182 8.00 -10.34 20.60
C VAL B 182 7.14 -10.79 21.77
N ILE B 183 5.83 -10.52 21.71
CA ILE B 183 4.91 -11.04 22.73
C ILE B 183 5.05 -12.56 22.88
N ALA B 184 5.09 -13.28 21.75
CA ALA B 184 5.26 -14.73 21.71
C ALA B 184 6.52 -15.17 22.41
N GLY B 185 7.59 -14.38 22.31
CA GLY B 185 8.85 -14.65 22.99
C GLY B 185 8.77 -14.43 24.50
N ALA B 186 8.18 -13.31 24.90
CA ALA B 186 7.94 -13.09 26.33
C ALA B 186 7.06 -14.25 26.87
N ALA B 187 5.97 -14.52 26.17
CA ALA B 187 5.08 -15.58 26.62
C ALA B 187 5.83 -16.93 26.77
N PHE B 188 6.61 -17.28 25.75
CA PHE B 188 7.31 -18.53 25.77
C PHE B 188 8.30 -18.59 26.93
N HIS B 189 9.07 -17.53 27.12
CA HIS B 189 9.99 -17.54 28.20
C HIS B 189 9.25 -17.59 29.51
N LEU B 190 8.31 -16.68 29.70
CA LEU B 190 7.51 -16.66 30.94
C LEU B 190 6.90 -18.01 31.28
N ALA B 191 6.38 -18.71 30.30
CA ALA B 191 5.72 -19.97 30.54
C ALA B 191 6.71 -21.02 30.96
N LEU B 192 7.82 -21.08 30.26
CA LEU B 192 8.83 -22.10 30.45
C LEU B 192 9.51 -21.89 31.78
N TYR B 193 9.71 -20.64 32.15
CA TYR B 193 10.23 -20.33 33.46
C TYR B 193 9.27 -20.76 34.62
N THR B 194 8.02 -20.28 34.58
CA THR B 194 6.98 -20.66 35.54
C THR B 194 6.91 -22.18 35.75
N VAL B 195 7.03 -22.95 34.69
CA VAL B 195 6.75 -24.36 34.79
C VAL B 195 7.99 -25.19 35.11
N THR B 196 9.12 -24.85 34.49
CA THR B 196 10.35 -25.67 34.61
C THR B 196 11.53 -24.97 35.24
N GLY B 197 11.46 -23.63 35.35
CA GLY B 197 12.60 -22.88 35.81
C GLY B 197 13.58 -22.61 34.69
N GLN B 198 13.38 -23.18 33.49
CA GLN B 198 14.32 -22.92 32.37
C GLN B 198 14.09 -21.57 31.68
N SER B 199 14.97 -21.22 30.73
CA SER B 199 14.98 -19.87 30.15
C SER B 199 14.84 -19.86 28.68
N TRP B 200 14.40 -18.73 28.13
CA TRP B 200 14.58 -18.43 26.71
C TRP B 200 15.83 -19.08 26.17
N PRO B 201 15.70 -20.17 25.43
CA PRO B 201 16.88 -20.96 25.02
C PRO B 201 17.75 -20.34 23.93
N GLU B 202 18.99 -20.82 23.94
CA GLU B 202 20.05 -20.41 23.01
C GLU B 202 19.60 -20.50 21.56
N SER B 203 18.99 -21.64 21.20
CA SER B 203 18.59 -21.92 19.84
C SER B 203 17.55 -20.89 19.32
N LEU B 204 16.73 -20.36 20.22
CA LEU B 204 15.80 -19.33 19.84
C LEU B 204 16.45 -17.98 19.73
N ILE B 205 17.59 -17.81 20.40
CA ILE B 205 18.35 -16.59 20.19
C ILE B 205 18.92 -16.58 18.79
N ARG B 206 19.45 -17.73 18.37
CA ARG B 206 19.93 -17.91 17.00
C ARG B 206 18.83 -17.71 15.95
N LYS B 207 17.61 -18.17 16.24
CA LYS B 207 16.53 -18.11 15.24
C LYS B 207 15.95 -16.67 15.07
N THR B 208 15.77 -15.96 16.18
CA THR B 208 14.93 -14.79 16.22
C THR B 208 15.79 -13.56 16.30
N GLY B 209 16.93 -13.72 16.96
CA GLY B 209 17.77 -12.57 17.25
C GLY B 209 17.39 -11.90 18.57
N TYR B 210 16.31 -12.35 19.19
CA TYR B 210 15.90 -11.79 20.44
C TYR B 210 16.63 -12.45 21.62
N THR B 211 16.89 -11.63 22.63
CA THR B 211 17.46 -12.06 23.90
C THR B 211 16.50 -11.67 25.01
N LEU B 212 16.77 -12.19 26.19
CA LEU B 212 16.12 -11.71 27.38
C LEU B 212 16.23 -10.21 27.52
N GLU B 213 17.36 -9.61 27.11
CA GLU B 213 17.51 -8.14 27.14
C GLU B 213 16.51 -7.44 26.22
N SER B 214 16.32 -7.93 24.99
CA SER B 214 15.42 -7.26 24.07
C SER B 214 13.99 -7.63 24.49
N LEU B 215 13.82 -8.82 25.02
CA LEU B 215 12.48 -9.26 25.43
C LEU B 215 12.03 -8.56 26.70
N LYS B 216 12.99 -8.21 27.54
CA LYS B 216 12.72 -7.58 28.82
C LYS B 216 11.54 -6.61 28.87
N PRO B 217 11.52 -5.48 28.15
CA PRO B 217 10.35 -4.61 28.25
C PRO B 217 9.00 -5.35 28.24
N CYS B 218 8.72 -6.20 27.23
CA CYS B 218 7.42 -6.88 27.07
C CYS B 218 7.20 -7.83 28.22
N LEU B 219 8.21 -8.66 28.45
CA LEU B 219 8.32 -9.49 29.63
C LEU B 219 7.93 -8.85 31.00
N MET B 220 8.33 -7.61 31.26
CA MET B 220 7.87 -6.95 32.46
C MET B 220 6.38 -6.71 32.38
N ASP B 221 5.89 -6.33 31.21
CA ASP B 221 4.47 -6.08 31.14
C ASP B 221 3.72 -7.39 31.30
N LEU B 222 4.19 -8.44 30.62
CA LEU B 222 3.52 -9.73 30.69
C LEU B 222 3.48 -10.28 32.15
N HIS B 223 4.62 -10.21 32.84
CA HIS B 223 4.72 -10.69 34.19
C HIS B 223 3.71 -9.96 35.10
N GLN B 224 3.54 -8.64 34.92
CA GLN B 224 2.48 -7.92 35.60
C GLN B 224 1.09 -8.48 35.20
N THR B 225 0.76 -8.46 33.89
CA THR B 225 -0.53 -8.99 33.44
C THR B 225 -0.83 -10.35 34.09
N TYR B 226 0.20 -11.19 34.20
CA TYR B 226 0.07 -12.51 34.77
C TYR B 226 -0.33 -12.40 36.24
N LEU B 227 0.46 -11.66 37.03
CA LEU B 227 0.22 -11.55 38.47
C LEU B 227 -1.11 -10.90 38.74
N LYS B 228 -1.53 -10.02 37.84
CA LYS B 228 -2.79 -9.31 38.08
C LYS B 228 -3.98 -10.03 37.47
N ALA B 229 -3.74 -11.23 36.93
CA ALA B 229 -4.77 -11.85 36.10
C ALA B 229 -6.06 -12.22 36.85
N PRO B 230 -5.95 -12.78 38.07
CA PRO B 230 -7.18 -13.08 38.85
C PRO B 230 -8.06 -11.84 39.13
N GLN B 231 -7.48 -10.65 39.12
CA GLN B 231 -8.16 -9.39 39.46
C GLN B 231 -8.78 -8.62 38.29
N HIS B 232 -8.39 -8.95 37.05
CA HIS B 232 -8.77 -8.16 35.88
C HIS B 232 -10.29 -8.20 35.64
N ALA B 233 -10.86 -7.07 35.23
CA ALA B 233 -12.29 -7.05 34.95
C ALA B 233 -12.71 -8.11 33.91
N GLN B 234 -11.79 -8.59 33.09
CA GLN B 234 -12.14 -9.55 32.06
C GLN B 234 -11.59 -10.95 32.40
N GLN B 235 -12.40 -12.00 32.29
CA GLN B 235 -12.02 -13.31 32.83
C GLN B 235 -12.25 -14.52 31.93
N SER B 236 -12.75 -14.29 30.73
CA SER B 236 -13.04 -15.40 29.82
C SER B 236 -11.81 -16.27 29.50
N ILE B 237 -10.63 -15.65 29.42
CA ILE B 237 -9.41 -16.38 29.12
C ILE B 237 -9.02 -17.28 30.30
N ARG B 238 -8.99 -16.68 31.49
CA ARG B 238 -8.74 -17.48 32.71
C ARG B 238 -9.72 -18.65 32.79
N GLU B 239 -11.04 -18.37 32.61
CA GLU B 239 -12.09 -19.43 32.61
C GLU B 239 -11.75 -20.52 31.58
N LYS B 240 -11.53 -20.07 30.33
CA LYS B 240 -11.23 -20.94 29.23
C LYS B 240 -10.06 -21.85 29.58
N TYR B 241 -9.04 -21.31 30.24
CA TYR B 241 -7.82 -22.07 30.41
C TYR B 241 -7.76 -22.92 31.68
N LYS B 242 -8.92 -23.06 32.30
CA LYS B 242 -9.14 -24.00 33.38
C LYS B 242 -9.44 -25.35 32.76
N ASN B 243 -9.93 -25.34 31.52
CA ASN B 243 -10.27 -26.57 30.81
C ASN B 243 -9.12 -27.55 30.74
N SER B 244 -9.48 -28.83 30.80
CA SER B 244 -8.47 -29.87 30.67
C SER B 244 -7.75 -29.74 29.34
N LYS B 245 -8.46 -29.21 28.33
CA LYS B 245 -7.94 -29.18 26.97
C LYS B 245 -6.65 -28.40 26.94
N TYR B 246 -6.59 -27.39 27.80
CA TYR B 246 -5.37 -26.53 27.98
C TYR B 246 -4.63 -26.81 29.24
N HIS B 247 -4.83 -28.02 29.78
CA HIS B 247 -4.14 -28.51 30.98
C HIS B 247 -4.36 -27.69 32.24
N GLY B 248 -5.51 -27.00 32.30
CA GLY B 248 -5.80 -26.14 33.42
C GLY B 248 -4.64 -25.25 33.85
N VAL B 249 -3.83 -24.79 32.89
CA VAL B 249 -2.66 -23.97 33.20
C VAL B 249 -3.03 -22.70 33.90
N SER B 250 -4.25 -22.21 33.71
CA SER B 250 -4.60 -20.92 34.32
C SER B 250 -4.78 -21.04 35.81
N LEU B 251 -4.68 -22.26 36.32
CA LEU B 251 -4.61 -22.44 37.79
C LEU B 251 -3.22 -22.46 38.40
N LEU B 252 -2.16 -22.69 37.61
CA LEU B 252 -0.76 -22.53 38.07
C LEU B 252 -0.47 -21.17 38.74
N ASN B 253 0.50 -21.10 39.63
CA ASN B 253 0.86 -19.82 40.21
C ASN B 253 1.95 -19.07 39.43
N PRO B 254 1.70 -17.78 39.15
CA PRO B 254 2.75 -16.94 38.59
C PRO B 254 3.93 -16.93 39.56
N PRO B 255 5.17 -16.88 39.03
CA PRO B 255 6.34 -16.74 39.88
C PRO B 255 6.22 -15.35 40.42
N GLU B 256 6.90 -15.07 41.53
CA GLU B 256 6.80 -13.77 42.16
C GLU B 256 7.81 -12.84 41.54
N THR B 257 8.95 -13.40 41.13
CA THR B 257 10.00 -12.61 40.44
C THR B 257 10.60 -13.31 39.21
N LEU B 258 11.21 -12.55 38.32
CA LEU B 258 11.75 -13.16 37.13
C LEU B 258 13.24 -13.37 37.16
N ASN B 259 13.94 -12.66 38.03
CA ASN B 259 15.41 -12.70 38.07
C ASN B 259 16.05 -12.29 36.70
N LEU B 260 15.79 -11.08 36.28
CA LEU B 260 16.36 -10.62 35.02
C LEU B 260 17.53 -9.64 35.25
N PRO C 2 -11.85 2.32 -0.76
CA PRO C 2 -12.50 1.49 0.35
C PRO C 2 -14.00 1.80 0.52
N GLY C 3 -14.31 3.09 0.62
CA GLY C 3 -15.69 3.59 0.64
C GLY C 3 -16.55 3.30 -0.61
N SER C 4 -17.88 3.43 -0.43
CA SER C 4 -18.92 3.16 -1.41
C SER C 4 -20.06 4.11 -1.06
N MET C 5 -20.73 4.70 -2.05
CA MET C 5 -21.79 5.65 -1.69
C MET C 5 -22.98 4.98 -0.95
N GLU C 6 -23.27 3.70 -1.24
CA GLU C 6 -24.31 2.92 -0.52
C GLU C 6 -24.30 3.19 0.99
N ASN C 7 -23.10 3.26 1.57
CA ASN C 7 -22.94 3.36 3.02
C ASN C 7 -23.08 4.72 3.64
N PHE C 8 -23.10 5.77 2.83
CA PHE C 8 -23.23 7.13 3.38
C PHE C 8 -24.66 7.64 3.28
N GLN C 9 -25.20 8.11 4.40
CA GLN C 9 -26.50 8.75 4.42
C GLN C 9 -26.33 10.25 4.47
N LYS C 10 -26.89 10.96 3.50
CA LYS C 10 -26.69 12.42 3.48
C LYS C 10 -27.70 13.04 4.41
N VAL C 11 -27.27 14.02 5.21
CA VAL C 11 -28.02 14.59 6.34
C VAL C 11 -28.49 16.02 6.05
N GLU C 12 -27.56 16.83 5.52
CA GLU C 12 -27.79 18.25 5.21
C GLU C 12 -26.65 18.86 4.36
N LYS C 13 -27.00 19.82 3.51
CA LYS C 13 -26.00 20.55 2.75
C LYS C 13 -25.25 21.46 3.69
N ILE C 14 -23.96 21.54 3.52
CA ILE C 14 -23.19 22.33 4.46
C ILE C 14 -22.80 23.64 3.84
N GLY C 15 -22.55 23.67 2.52
CA GLY C 15 -21.96 24.83 1.89
C GLY C 15 -21.18 24.54 0.61
N GLU C 16 -20.79 25.57 -0.12
CA GLU C 16 -20.03 25.45 -1.38
C GLU C 16 -18.73 26.27 -1.35
N GLY C 17 -17.62 25.58 -1.57
CA GLY C 17 -16.31 26.17 -1.39
C GLY C 17 -15.69 26.61 -2.68
N THR C 18 -14.38 26.51 -2.75
CA THR C 18 -13.71 26.89 -3.98
C THR C 18 -14.15 26.02 -5.15
N TYR C 19 -14.62 24.81 -4.85
CA TYR C 19 -15.21 23.91 -5.84
C TYR C 19 -16.05 22.82 -5.20
N GLY C 20 -16.96 22.24 -5.97
CA GLY C 20 -17.85 21.19 -5.47
C GLY C 20 -18.91 21.66 -4.48
N VAL C 21 -19.53 20.70 -3.81
CA VAL C 21 -20.47 20.93 -2.72
C VAL C 21 -20.11 19.98 -1.56
N VAL C 22 -20.19 20.48 -0.32
CA VAL C 22 -19.83 19.71 0.85
C VAL C 22 -21.10 19.42 1.65
N TYR C 23 -21.28 18.16 2.03
CA TYR C 23 -22.47 17.74 2.78
C TYR C 23 -22.14 17.17 4.12
N LYS C 24 -23.10 17.21 5.03
CA LYS C 24 -22.93 16.46 6.23
C LYS C 24 -23.49 15.09 5.95
N ALA C 25 -22.79 14.05 6.36
CA ALA C 25 -23.29 12.71 6.07
C ALA C 25 -22.86 11.76 7.14
N ARG C 26 -23.43 10.58 7.16
CA ARG C 26 -22.93 9.61 8.12
C ARG C 26 -22.91 8.21 7.61
N ASN C 27 -21.84 7.53 8.02
CA ASN C 27 -21.59 6.13 7.78
C ASN C 27 -22.61 5.33 8.52
N LYS C 28 -23.41 4.59 7.78
CA LYS C 28 -24.47 3.83 8.39
C LYS C 28 -23.88 2.66 9.14
N LEU C 29 -22.81 2.09 8.61
CA LEU C 29 -22.19 0.95 9.27
C LEU C 29 -21.41 1.28 10.56
N THR C 30 -20.69 2.41 10.58
CA THR C 30 -19.77 2.69 11.68
C THR C 30 -20.31 3.76 12.63
N GLY C 31 -21.27 4.53 12.15
CA GLY C 31 -21.77 5.67 12.91
C GLY C 31 -20.95 6.95 12.71
N GLU C 32 -19.81 6.90 12.05
CA GLU C 32 -19.01 8.11 11.89
C GLU C 32 -19.80 9.17 11.14
N VAL C 33 -19.86 10.37 11.71
CA VAL C 33 -20.26 11.58 10.95
C VAL C 33 -19.10 12.15 10.15
N VAL C 34 -19.31 12.42 8.87
CA VAL C 34 -18.23 12.93 7.99
C VAL C 34 -18.70 14.16 7.26
N ALA C 35 -17.79 14.87 6.59
CA ALA C 35 -18.25 15.83 5.56
C ALA C 35 -17.87 15.19 4.25
N LEU C 36 -18.77 15.19 3.25
CA LEU C 36 -18.44 14.74 1.86
C LEU C 36 -18.45 15.87 0.90
N LYS C 37 -17.36 16.02 0.17
CA LYS C 37 -17.30 17.01 -0.89
C LYS C 37 -17.60 16.25 -2.17
N LYS C 38 -18.63 16.68 -2.86
CA LYS C 38 -19.05 16.06 -4.11
C LYS C 38 -18.51 16.94 -5.27
N ILE C 39 -17.84 16.34 -6.23
CA ILE C 39 -17.19 17.05 -7.35
C ILE C 39 -17.69 16.45 -8.66
N ARG C 40 -18.37 17.23 -9.50
CA ARG C 40 -18.80 16.76 -10.84
C ARG C 40 -17.59 16.58 -11.74
N LEU C 41 -17.52 15.44 -12.41
CA LEU C 41 -16.42 15.21 -13.36
C LEU C 41 -16.93 15.62 -14.73
N ASP C 42 -16.21 16.59 -15.32
CA ASP C 42 -16.53 17.13 -16.64
C ASP C 42 -15.99 16.14 -17.67
N THR C 43 -16.66 14.99 -17.76
CA THR C 43 -16.40 14.05 -18.84
C THR C 43 -16.69 14.75 -20.19
N GLU C 44 -16.09 14.23 -21.27
CA GLU C 44 -16.19 14.91 -22.59
C GLU C 44 -15.70 16.36 -22.64
N THR C 45 -15.38 16.95 -21.50
CA THR C 45 -15.08 18.36 -21.43
C THR C 45 -13.60 18.48 -20.99
N GLU C 46 -13.37 18.91 -19.75
CA GLU C 46 -12.05 19.25 -19.30
C GLU C 46 -11.50 18.25 -18.28
N GLY C 47 -12.30 17.25 -17.94
CA GLY C 47 -11.86 16.16 -17.10
C GLY C 47 -11.99 16.46 -15.61
N VAL C 48 -11.02 15.98 -14.83
CA VAL C 48 -10.95 16.25 -13.39
C VAL C 48 -10.40 17.62 -13.19
N PRO C 49 -11.09 18.50 -12.44
CA PRO C 49 -10.59 19.87 -12.21
C PRO C 49 -9.26 19.96 -11.49
N SER C 50 -8.44 20.93 -11.89
CA SER C 50 -7.09 21.08 -11.34
C SER C 50 -7.21 21.41 -9.86
N THR C 51 -8.36 21.94 -9.45
CA THR C 51 -8.53 22.28 -8.04
C THR C 51 -8.69 21.03 -7.20
N ALA C 52 -9.41 20.05 -7.76
CA ALA C 52 -9.55 18.72 -7.14
C ALA C 52 -8.20 17.98 -7.08
N ILE C 53 -7.49 17.95 -8.21
CA ILE C 53 -6.18 17.34 -8.33
C ILE C 53 -5.22 17.87 -7.28
N ARG C 54 -5.13 19.19 -7.21
CA ARG C 54 -4.30 19.85 -6.22
C ARG C 54 -4.71 19.54 -4.75
N GLU C 55 -6.00 19.66 -4.46
CA GLU C 55 -6.45 19.53 -3.09
C GLU C 55 -6.25 18.11 -2.55
N ILE C 56 -6.71 17.11 -3.32
CA ILE C 56 -6.49 15.72 -2.99
C ILE C 56 -4.99 15.41 -2.81
N SER C 57 -4.17 15.82 -3.77
CA SER C 57 -2.82 15.30 -3.81
C SER C 57 -2.02 15.90 -2.70
N LEU C 58 -2.24 17.17 -2.40
CA LEU C 58 -1.60 17.83 -1.26
C LEU C 58 -2.13 17.33 0.08
N LEU C 59 -3.45 17.34 0.20
CA LEU C 59 -4.09 16.93 1.43
C LEU C 59 -3.68 15.51 1.86
N LYS C 60 -3.36 14.63 0.89
CA LYS C 60 -2.79 13.28 1.17
C LYS C 60 -1.41 13.34 1.89
N GLU C 61 -0.54 14.22 1.43
CA GLU C 61 0.71 14.44 2.13
C GLU C 61 0.56 15.08 3.52
N LEU C 62 -0.32 16.04 3.67
CA LEU C 62 -0.38 16.80 4.91
C LEU C 62 -1.12 16.07 6.04
N ASN C 63 -0.43 15.26 6.83
CA ASN C 63 -1.09 14.71 8.03
C ASN C 63 -0.59 15.37 9.31
N HIS C 64 -1.45 16.26 9.82
CA HIS C 64 -1.21 17.09 10.99
C HIS C 64 -2.56 17.29 11.72
N PRO C 65 -2.54 17.39 13.05
CA PRO C 65 -3.81 17.55 13.80
C PRO C 65 -4.54 18.88 13.55
N ASN C 66 -3.89 19.84 12.88
CA ASN C 66 -4.44 21.18 12.65
C ASN C 66 -4.70 21.43 11.17
N ILE C 67 -4.75 20.34 10.43
CA ILE C 67 -5.15 20.37 9.04
C ILE C 67 -6.27 19.37 8.88
N VAL C 68 -7.37 19.74 8.22
CA VAL C 68 -8.47 18.82 8.02
C VAL C 68 -8.00 17.49 7.39
N LYS C 69 -8.50 16.35 7.89
CA LYS C 69 -8.05 15.04 7.40
C LYS C 69 -8.94 14.54 6.31
N LEU C 70 -8.33 14.29 5.16
CA LEU C 70 -8.98 13.57 4.10
C LEU C 70 -9.02 12.08 4.45
N LEU C 71 -10.19 11.51 4.65
CA LEU C 71 -10.30 10.07 4.97
C LEU C 71 -10.34 9.11 3.77
N ASP C 72 -11.02 9.49 2.69
CA ASP C 72 -11.19 8.59 1.57
C ASP C 72 -11.48 9.42 0.34
N VAL C 73 -11.19 8.84 -0.81
CA VAL C 73 -11.57 9.42 -2.08
C VAL C 73 -12.33 8.34 -2.81
N ILE C 74 -13.61 8.59 -3.07
CA ILE C 74 -14.46 7.62 -3.79
C ILE C 74 -14.64 8.01 -5.25
N HIS C 75 -14.10 7.18 -6.16
CA HIS C 75 -13.96 7.47 -7.60
C HIS C 75 -15.06 6.83 -8.35
N THR C 76 -16.03 7.61 -8.78
CA THR C 76 -17.00 7.09 -9.74
C THR C 76 -16.56 7.46 -11.17
N GLU C 77 -17.29 6.96 -12.16
CA GLU C 77 -17.11 7.30 -13.59
C GLU C 77 -17.42 8.80 -13.86
N ASN C 78 -18.37 9.31 -13.07
CA ASN C 78 -19.03 10.63 -13.24
C ASN C 78 -18.82 11.63 -12.13
N LYS C 79 -18.67 11.16 -10.90
CA LYS C 79 -18.58 12.03 -9.73
C LYS C 79 -17.37 11.63 -8.90
N LEU C 80 -16.80 12.55 -8.16
CA LEU C 80 -15.67 12.21 -7.28
C LEU C 80 -16.06 12.64 -5.88
N TYR C 81 -15.98 11.74 -4.92
CA TYR C 81 -16.35 12.13 -3.54
C TYR C 81 -15.21 12.14 -2.52
N LEU C 82 -14.96 13.30 -1.92
CA LEU C 82 -13.91 13.35 -0.92
C LEU C 82 -14.56 13.16 0.42
N VAL C 83 -14.04 12.24 1.21
CA VAL C 83 -14.55 11.99 2.53
C VAL C 83 -13.64 12.63 3.60
N PHE C 84 -14.23 13.57 4.34
CA PHE C 84 -13.49 14.41 5.27
C PHE C 84 -13.98 14.16 6.70
N GLU C 85 -13.08 14.17 7.67
CA GLU C 85 -13.54 14.21 9.05
C GLU C 85 -14.42 15.45 9.21
N PHE C 86 -15.53 15.26 9.92
CA PHE C 86 -16.46 16.32 10.17
C PHE C 86 -16.02 17.17 11.36
N LEU C 87 -15.96 18.48 11.15
CA LEU C 87 -15.87 19.39 12.27
C LEU C 87 -17.17 20.22 12.36
N HIS C 88 -17.44 20.71 13.57
CA HIS C 88 -18.75 21.20 13.97
C HIS C 88 -19.16 22.50 13.30
N GLN C 89 -18.23 23.43 13.16
CA GLN C 89 -18.52 24.65 12.45
C GLN C 89 -17.28 25.40 11.98
N ASP C 90 -17.50 26.49 11.25
CA ASP C 90 -16.40 27.39 10.94
C ASP C 90 -16.28 28.54 11.92
N LEU C 91 -15.11 29.19 11.85
CA LEU C 91 -14.71 30.32 12.65
C LEU C 91 -15.57 31.53 12.36
N LYS C 92 -15.95 31.74 11.10
CA LYS C 92 -16.79 32.89 10.79
C LYS C 92 -18.12 32.77 11.50
N LYS C 93 -18.77 31.62 11.38
CA LYS C 93 -20.00 31.41 12.08
C LYS C 93 -19.80 31.52 13.59
N PHE C 94 -18.63 31.14 14.09
CA PHE C 94 -18.41 31.17 15.52
C PHE C 94 -18.26 32.64 15.98
N MET C 95 -17.53 33.41 15.19
CA MET C 95 -17.35 34.84 15.47
C MET C 95 -18.68 35.56 15.43
N ASP C 96 -19.53 35.15 14.50
CA ASP C 96 -20.87 35.72 14.45
C ASP C 96 -21.62 35.40 15.70
N ALA C 97 -21.59 34.15 16.17
CA ALA C 97 -22.33 33.81 17.38
C ALA C 97 -21.72 34.48 18.62
N SER C 98 -20.45 34.86 18.51
CA SER C 98 -19.74 35.57 19.56
C SER C 98 -19.67 37.10 19.34
N ALA C 99 -20.61 37.65 18.56
CA ALA C 99 -20.65 39.11 18.25
C ALA C 99 -21.07 39.95 19.44
N LEU C 100 -21.99 39.41 20.23
CA LEU C 100 -22.33 39.95 21.54
C LEU C 100 -21.26 39.69 22.62
N THR C 101 -21.02 38.41 22.97
CA THR C 101 -20.13 38.01 24.06
C THR C 101 -18.66 38.38 23.86
N GLY C 102 -18.16 38.23 22.64
CA GLY C 102 -16.72 38.30 22.43
C GLY C 102 -16.12 36.90 22.60
N ILE C 103 -14.90 36.72 22.16
CA ILE C 103 -14.23 35.47 22.37
C ILE C 103 -13.16 35.72 23.43
N PRO C 104 -13.14 34.88 24.48
CA PRO C 104 -12.09 34.91 25.52
C PRO C 104 -10.68 34.94 24.95
N LEU C 105 -9.78 35.73 25.51
CA LEU C 105 -8.42 35.79 24.98
C LEU C 105 -7.75 34.43 24.92
N PRO C 106 -7.79 33.64 26.00
CA PRO C 106 -7.21 32.30 25.96
C PRO C 106 -7.60 31.50 24.71
N LEU C 107 -8.87 31.52 24.30
CA LEU C 107 -9.29 30.84 23.06
C LEU C 107 -8.66 31.44 21.82
N ILE C 108 -8.70 32.76 21.70
CA ILE C 108 -8.07 33.42 20.59
C ILE C 108 -6.63 32.88 20.51
N LYS C 109 -5.95 32.85 21.65
CA LYS C 109 -4.56 32.44 21.71
C LYS C 109 -4.36 30.99 21.23
N SER C 110 -5.16 30.10 21.79
CA SER C 110 -5.13 28.73 21.41
C SER C 110 -5.37 28.67 19.91
N TYR C 111 -6.50 29.19 19.45
CA TYR C 111 -6.81 29.14 18.03
C TYR C 111 -5.64 29.64 17.17
N LEU C 112 -5.14 30.82 17.46
CA LEU C 112 -4.08 31.36 16.63
C LEU C 112 -2.85 30.45 16.64
N PHE C 113 -2.59 29.85 17.81
CA PHE C 113 -1.44 28.98 18.05
C PHE C 113 -1.53 27.75 17.16
N GLN C 114 -2.72 27.13 17.18
CA GLN C 114 -2.97 25.91 16.43
C GLN C 114 -2.91 26.19 14.93
N LEU C 115 -3.49 27.32 14.49
CA LEU C 115 -3.47 27.71 13.09
C LEU C 115 -2.08 27.85 12.61
N LEU C 116 -1.19 28.30 13.49
CA LEU C 116 0.18 28.62 13.09
C LEU C 116 1.02 27.35 13.02
N GLN C 117 0.60 26.35 13.80
CA GLN C 117 1.21 25.02 13.78
C GLN C 117 0.85 24.32 12.48
N GLY C 118 -0.43 24.41 12.13
CA GLY C 118 -0.93 23.95 10.86
C GLY C 118 -0.30 24.66 9.69
N LEU C 119 -0.19 25.97 9.77
CA LEU C 119 0.32 26.68 8.63
C LEU C 119 1.84 26.40 8.47
N ALA C 120 2.54 26.31 9.59
CA ALA C 120 3.97 26.01 9.61
C ALA C 120 4.21 24.66 8.96
N PHE C 121 3.39 23.67 9.34
CA PHE C 121 3.46 22.36 8.69
C PHE C 121 3.23 22.42 7.17
N CYS C 122 2.22 23.16 6.72
CA CYS C 122 2.07 23.42 5.31
C CYS C 122 3.39 23.95 4.76
N HIS C 123 3.89 25.04 5.33
CA HIS C 123 5.04 25.70 4.70
C HIS C 123 6.28 24.79 4.68
N SER C 124 6.44 24.10 5.81
CA SER C 124 7.40 23.01 6.01
C SER C 124 7.41 22.03 4.85
N HIS C 125 6.22 21.79 4.28
CA HIS C 125 6.09 20.80 3.21
C HIS C 125 5.86 21.39 1.84
N ARG C 126 6.39 22.60 1.66
CA ARG C 126 6.25 23.33 0.41
C ARG C 126 4.80 23.47 -0.13
N VAL C 127 3.85 23.67 0.77
CA VAL C 127 2.48 23.96 0.34
C VAL C 127 2.04 25.37 0.80
N LEU C 128 1.69 26.24 -0.16
CA LEU C 128 0.98 27.50 0.12
C LEU C 128 -0.51 27.24 0.29
N HIS C 129 -1.18 27.83 1.27
CA HIS C 129 -2.67 27.70 1.32
C HIS C 129 -3.40 28.62 0.34
N ARG C 130 -3.05 29.90 0.37
CA ARG C 130 -3.58 30.89 -0.57
C ARG C 130 -5.09 31.22 -0.42
N ASP C 131 -5.77 30.66 0.56
CA ASP C 131 -7.16 31.08 0.80
C ASP C 131 -7.62 31.02 2.27
N LEU C 132 -6.83 31.59 3.17
CA LEU C 132 -7.14 31.48 4.59
C LEU C 132 -8.11 32.55 4.98
N LYS C 133 -9.29 32.12 5.37
CA LYS C 133 -10.33 33.03 5.80
C LYS C 133 -11.19 32.24 6.76
N PRO C 134 -11.96 32.91 7.60
CA PRO C 134 -12.59 32.20 8.71
C PRO C 134 -13.54 31.11 8.17
N GLN C 135 -14.02 31.25 6.92
CA GLN C 135 -14.97 30.30 6.32
C GLN C 135 -14.28 28.94 6.06
N ASN C 136 -12.97 29.00 5.83
CA ASN C 136 -12.16 27.83 5.58
C ASN C 136 -11.45 27.32 6.83
N LEU C 137 -11.69 27.88 8.01
CA LEU C 137 -11.09 27.35 9.22
C LEU C 137 -12.14 26.69 10.09
N LEU C 138 -11.94 25.43 10.43
CA LEU C 138 -13.01 24.68 11.09
C LEU C 138 -12.67 24.33 12.49
N ILE C 139 -13.69 24.24 13.31
CA ILE C 139 -13.49 24.03 14.75
C ILE C 139 -14.35 22.90 15.25
N ASN C 140 -13.86 22.17 16.24
CA ASN C 140 -14.69 21.17 16.89
C ASN C 140 -15.13 21.63 18.27
N THR C 141 -15.78 20.72 18.99
CA THR C 141 -16.38 21.09 20.26
C THR C 141 -15.45 20.84 21.43
N GLU C 142 -14.14 20.83 21.15
CA GLU C 142 -13.14 20.41 22.11
C GLU C 142 -11.98 21.36 22.12
N GLY C 143 -12.05 22.40 21.31
CA GLY C 143 -11.01 23.42 21.31
C GLY C 143 -10.00 23.35 20.18
N ALA C 144 -10.22 22.43 19.24
CA ALA C 144 -9.35 22.35 18.06
C ALA C 144 -9.84 23.22 16.88
N ILE C 145 -8.88 23.83 16.16
CA ILE C 145 -9.18 24.52 14.91
C ILE C 145 -8.28 23.88 13.87
N LYS C 146 -8.75 23.76 12.63
CA LYS C 146 -7.91 23.19 11.58
C LYS C 146 -8.09 23.93 10.24
N LEU C 147 -7.03 24.00 9.44
CA LEU C 147 -7.11 24.57 8.10
C LEU C 147 -7.93 23.64 7.25
N ALA C 148 -8.85 24.18 6.47
CA ALA C 148 -9.58 23.36 5.50
C ALA C 148 -9.64 24.01 4.13
N ASP C 149 -10.40 23.43 3.22
CA ASP C 149 -10.49 23.86 1.82
C ASP C 149 -9.15 24.16 1.20
N PHE C 150 -8.48 23.16 0.67
CA PHE C 150 -7.19 23.37 0.01
C PHE C 150 -7.36 23.46 -1.48
N GLY C 151 -8.59 23.73 -1.91
CA GLY C 151 -8.85 23.90 -3.32
C GLY C 151 -8.00 24.94 -4.06
N LEU C 152 -7.48 25.93 -3.35
CA LEU C 152 -6.70 26.97 -4.01
C LEU C 152 -5.23 26.88 -3.65
N ALA C 153 -4.85 25.78 -2.98
CA ALA C 153 -3.49 25.55 -2.56
C ALA C 153 -2.56 25.25 -3.76
N ARG C 154 -1.26 25.44 -3.56
CA ARG C 154 -0.30 24.94 -4.51
C ARG C 154 1.09 24.53 -3.92
N ALA C 155 1.72 23.53 -4.54
CA ALA C 155 3.03 23.05 -4.11
C ALA C 155 4.00 24.01 -4.73
N PHE C 156 4.86 24.61 -3.92
CA PHE C 156 5.87 25.53 -4.45
C PHE C 156 7.27 24.94 -4.52
N GLY C 157 8.19 25.68 -5.13
CA GLY C 157 9.60 25.34 -5.19
C GLY C 157 10.48 26.39 -4.47
N VAL C 158 11.75 26.05 -4.29
CA VAL C 158 12.71 26.95 -3.70
C VAL C 158 13.71 27.21 -4.83
N PRO C 159 13.87 28.46 -5.28
CA PRO C 159 13.00 29.58 -4.90
C PRO C 159 11.70 29.55 -5.71
N VAL C 160 10.70 30.32 -5.26
CA VAL C 160 9.38 30.31 -5.88
C VAL C 160 9.55 30.77 -7.33
N ARG C 161 8.54 30.58 -8.18
CA ARG C 161 8.39 31.38 -9.40
C ARG C 161 7.03 32.09 -9.36
N THR C 162 6.65 32.65 -10.50
CA THR C 162 5.38 33.37 -10.60
C THR C 162 4.27 32.35 -10.58
N TYR C 163 3.32 32.56 -9.68
CA TYR C 163 2.17 31.70 -9.56
C TYR C 163 0.87 32.47 -9.93
N TPO C 164 -0.30 31.83 -9.89
CA TPO C 164 -1.56 32.53 -10.30
CB TPO C 164 -2.67 31.51 -10.02
CG2 TPO C 164 -4.03 32.09 -10.39
OG1 TPO C 164 -2.36 30.27 -10.66
P TPO C 164 -2.07 28.99 -9.88
O1P TPO C 164 -1.92 27.85 -10.84
O2P TPO C 164 -0.80 29.16 -9.09
O3P TPO C 164 -3.18 28.68 -8.90
C TPO C 164 -1.79 33.82 -9.52
O TPO C 164 -1.63 33.79 -8.30
N HIS C 165 -2.13 34.94 -10.19
CA HIS C 165 -2.38 36.20 -9.44
C HIS C 165 -3.74 36.23 -8.72
N GLU C 166 -4.84 35.85 -9.38
CA GLU C 166 -6.21 35.82 -8.74
C GLU C 166 -6.26 34.85 -7.58
N VAL C 167 -5.86 35.29 -6.40
CA VAL C 167 -5.63 34.31 -5.35
C VAL C 167 -5.81 34.98 -3.98
N VAL C 168 -6.49 34.29 -3.07
CA VAL C 168 -6.94 34.85 -1.76
C VAL C 168 -8.09 35.84 -1.94
N THR C 169 -9.13 35.66 -1.15
CA THR C 169 -10.20 36.62 -1.00
C THR C 169 -9.63 38.02 -0.65
N LEU C 170 -10.02 39.01 -1.44
CA LEU C 170 -9.73 40.43 -1.23
C LEU C 170 -9.40 40.89 0.19
N TRP C 171 -10.34 40.76 1.15
CA TRP C 171 -10.14 41.22 2.54
C TRP C 171 -8.88 40.65 3.16
N TYR C 172 -8.46 39.50 2.65
CA TYR C 172 -7.44 38.75 3.31
C TYR C 172 -6.19 38.80 2.48
N ARG C 173 -6.23 39.60 1.44
CA ARG C 173 -5.18 39.67 0.46
C ARG C 173 -4.04 40.58 0.91
N ALA C 174 -2.85 39.98 1.03
CA ALA C 174 -1.57 40.71 1.28
C ALA C 174 -1.23 41.76 0.23
N PRO C 175 -0.53 42.82 0.64
CA PRO C 175 -0.18 43.97 -0.24
C PRO C 175 0.61 43.57 -1.51
N GLU C 176 1.61 42.71 -1.31
CA GLU C 176 2.40 42.20 -2.43
C GLU C 176 1.56 41.48 -3.49
N ILE C 177 0.39 40.97 -3.11
CA ILE C 177 -0.54 40.49 -4.12
C ILE C 177 -1.28 41.68 -4.78
N LEU C 178 -1.72 42.65 -3.99
CA LEU C 178 -2.55 43.71 -4.49
C LEU C 178 -1.81 44.52 -5.49
N LEU C 179 -0.51 44.71 -5.24
CA LEU C 179 0.37 45.49 -6.14
C LEU C 179 0.94 44.70 -7.34
N GLY C 180 0.50 43.45 -7.54
CA GLY C 180 1.02 42.63 -8.61
C GLY C 180 2.55 42.41 -8.65
N CYS C 181 3.21 42.46 -7.49
CA CYS C 181 4.59 42.01 -7.39
C CYS C 181 4.74 40.66 -8.03
N LYS C 182 5.72 40.53 -8.93
CA LYS C 182 5.89 39.31 -9.72
C LYS C 182 5.99 38.02 -8.88
N TYR C 183 6.72 38.07 -7.75
CA TYR C 183 6.83 36.96 -6.79
C TYR C 183 6.04 37.15 -5.49
N TYR C 184 5.41 36.06 -5.02
CA TYR C 184 4.88 36.02 -3.66
C TYR C 184 5.14 34.64 -3.06
N SER C 185 5.05 34.53 -1.74
CA SER C 185 5.40 33.30 -1.06
C SER C 185 4.64 33.05 0.23
N THR C 186 5.20 32.20 1.09
CA THR C 186 4.61 31.78 2.36
C THR C 186 4.09 32.97 3.15
N ALA C 187 4.73 34.12 2.93
CA ALA C 187 4.33 35.38 3.55
C ALA C 187 2.84 35.76 3.36
N VAL C 188 2.27 35.43 2.20
CA VAL C 188 0.89 35.78 1.88
C VAL C 188 -0.08 35.04 2.79
N ASP C 189 0.32 33.86 3.23
CA ASP C 189 -0.49 33.11 4.19
C ASP C 189 -0.38 33.73 5.59
N ILE C 190 0.77 34.28 5.93
CA ILE C 190 0.92 34.86 7.24
C ILE C 190 0.02 36.10 7.30
N TRP C 191 0.12 36.94 6.27
CA TRP C 191 -0.76 38.10 6.18
C TRP C 191 -2.19 37.73 6.59
N SER C 192 -2.72 36.70 5.93
CA SER C 192 -4.10 36.32 6.17
C SER C 192 -4.35 36.00 7.64
N LEU C 193 -3.42 35.24 8.21
CA LEU C 193 -3.53 34.83 9.59
C LEU C 193 -3.46 36.05 10.52
N GLY C 194 -2.71 37.08 10.09
CA GLY C 194 -2.69 38.37 10.76
C GLY C 194 -4.06 39.03 10.81
N CYS C 195 -4.68 39.16 9.64
CA CYS C 195 -6.01 39.72 9.54
C CYS C 195 -6.96 38.94 10.41
N ILE C 196 -6.76 37.62 10.49
CA ILE C 196 -7.74 36.75 11.13
C ILE C 196 -7.55 36.84 12.63
N PHE C 197 -6.28 37.03 13.02
CA PHE C 197 -5.93 37.28 14.42
C PHE C 197 -6.68 38.54 14.89
N ALA C 198 -6.43 39.67 14.25
CA ALA C 198 -7.21 40.89 14.43
C ALA C 198 -8.68 40.58 14.55
N GLU C 199 -9.23 39.90 13.56
CA GLU C 199 -10.68 39.66 13.43
C GLU C 199 -11.31 38.86 14.57
N MET C 200 -10.54 37.95 15.18
CA MET C 200 -11.04 37.16 16.31
C MET C 200 -11.16 38.08 17.52
N VAL C 201 -10.30 39.09 17.61
CA VAL C 201 -10.33 39.98 18.75
C VAL C 201 -11.48 40.99 18.64
N THR C 202 -11.50 41.80 17.58
CA THR C 202 -12.56 42.80 17.37
C THR C 202 -13.87 42.16 16.92
N ARG C 203 -13.81 40.93 16.46
CA ARG C 203 -14.96 40.21 15.86
C ARG C 203 -15.43 40.76 14.50
N ARG C 204 -14.65 41.63 13.86
CA ARG C 204 -14.92 42.07 12.50
C ARG C 204 -13.65 42.24 11.68
N ALA C 205 -13.84 42.20 10.37
CA ALA C 205 -12.73 42.18 9.45
C ALA C 205 -11.82 43.38 9.66
N LEU C 206 -10.51 43.10 9.60
CA LEU C 206 -9.50 44.11 9.74
C LEU C 206 -9.53 45.08 8.57
N PHE C 207 -9.58 44.54 7.35
CA PHE C 207 -9.62 45.34 6.13
C PHE C 207 -10.73 44.90 5.16
N PRO C 208 -11.97 45.27 5.47
CA PRO C 208 -13.10 44.90 4.62
C PRO C 208 -13.25 45.84 3.44
N GLY C 209 -12.28 45.85 2.53
CA GLY C 209 -12.38 46.62 1.31
C GLY C 209 -13.48 46.16 0.35
N ASP C 210 -13.87 47.02 -0.60
CA ASP C 210 -14.83 46.61 -1.64
C ASP C 210 -14.35 46.93 -3.04
N SER C 211 -13.06 47.24 -3.12
CA SER C 211 -12.32 47.28 -4.37
C SER C 211 -10.83 47.15 -4.11
N GLU C 212 -10.07 46.83 -5.14
CA GLU C 212 -8.63 46.74 -5.01
C GLU C 212 -8.04 48.03 -4.44
N ILE C 213 -8.46 49.18 -4.97
CA ILE C 213 -7.96 50.46 -4.48
C ILE C 213 -8.42 50.68 -3.04
N ASP C 214 -9.68 50.38 -2.77
CA ASP C 214 -10.17 50.54 -1.42
C ASP C 214 -9.47 49.60 -0.46
N GLN C 215 -9.21 48.36 -0.88
CA GLN C 215 -8.53 47.42 0.01
C GLN C 215 -7.16 48.01 0.31
N LEU C 216 -6.47 48.43 -0.74
CA LEU C 216 -5.19 49.06 -0.58
C LEU C 216 -5.27 50.29 0.37
N PHE C 217 -6.23 51.19 0.16
CA PHE C 217 -6.27 52.38 1.01
C PHE C 217 -6.55 52.06 2.47
N ARG C 218 -7.35 51.04 2.75
CA ARG C 218 -7.54 50.65 4.17
C ARG C 218 -6.27 50.08 4.82
N ILE C 219 -5.42 49.46 4.02
CA ILE C 219 -4.22 48.88 4.60
C ILE C 219 -3.34 50.03 5.02
N PHE C 220 -3.07 50.95 4.08
CA PHE C 220 -2.37 52.21 4.34
C PHE C 220 -2.87 52.99 5.61
N ARG C 221 -4.18 53.24 5.71
CA ARG C 221 -4.75 53.97 6.84
C ARG C 221 -4.36 53.43 8.21
N THR C 222 -4.26 52.12 8.28
CA THR C 222 -4.02 51.42 9.54
C THR C 222 -2.51 51.17 9.69
N LEU C 223 -1.78 50.97 8.60
CA LEU C 223 -0.37 50.66 8.79
C LEU C 223 0.57 51.83 8.56
N GLY C 224 0.24 52.75 7.64
CA GLY C 224 1.17 53.85 7.36
C GLY C 224 1.46 54.07 5.89
N THR C 225 1.04 55.26 5.46
CA THR C 225 1.48 55.73 4.17
C THR C 225 3.02 55.79 4.15
N PHE C 252 0.11 51.37 17.23
CA PHE C 252 -0.66 50.15 17.01
C PHE C 252 -1.85 49.92 17.99
N SER C 253 -1.85 50.64 19.13
CA SER C 253 -2.88 50.40 20.19
C SER C 253 -4.34 50.71 19.76
N LYS C 254 -4.46 51.59 18.76
CA LYS C 254 -5.76 51.93 18.19
C LYS C 254 -6.23 50.81 17.24
N VAL C 255 -5.28 50.32 16.41
CA VAL C 255 -5.45 49.16 15.49
C VAL C 255 -6.37 48.10 16.13
N VAL C 256 -5.87 47.48 17.19
CA VAL C 256 -6.63 46.47 17.94
C VAL C 256 -6.59 46.83 19.42
N PRO C 257 -7.67 47.48 19.88
CA PRO C 257 -7.74 48.02 21.25
C PRO C 257 -7.55 46.97 22.37
N PRO C 258 -8.40 45.95 22.54
CA PRO C 258 -8.30 44.99 23.67
C PRO C 258 -7.07 44.09 23.76
N LEU C 259 -6.05 44.32 22.93
CA LEU C 259 -4.91 43.42 22.86
C LEU C 259 -3.70 43.96 23.59
N ASP C 260 -3.06 43.10 24.37
CA ASP C 260 -1.79 43.40 25.07
C ASP C 260 -0.62 43.85 24.19
N GLU C 261 0.49 44.17 24.87
CA GLU C 261 1.77 44.51 24.25
C GLU C 261 2.30 43.32 23.48
N ASP C 262 2.11 42.12 24.04
CA ASP C 262 2.59 40.89 23.45
C ASP C 262 1.81 40.63 22.17
N GLY C 263 0.49 40.59 22.30
CA GLY C 263 -0.42 40.48 21.18
C GLY C 263 -0.11 41.47 20.07
N ARG C 264 -0.09 42.76 20.41
CA ARG C 264 0.18 43.79 19.42
C ARG C 264 1.49 43.55 18.68
N SER C 265 2.50 43.04 19.37
CA SER C 265 3.79 42.88 18.71
C SER C 265 3.75 41.77 17.66
N LEU C 266 3.16 40.63 18.03
CA LEU C 266 3.01 39.53 17.10
C LEU C 266 2.24 40.01 15.86
N LEU C 267 1.06 40.59 16.09
CA LEU C 267 0.26 41.20 15.03
C LEU C 267 1.02 42.10 14.06
N SER C 268 1.80 43.04 14.61
CA SER C 268 2.61 43.94 13.77
C SER C 268 3.66 43.22 12.93
N GLN C 269 4.26 42.17 13.47
CA GLN C 269 5.20 41.34 12.73
C GLN C 269 4.48 40.48 11.68
N MET C 270 3.24 40.11 11.96
CA MET C 270 2.42 39.38 11.01
C MET C 270 1.90 40.28 9.92
N LEU C 271 1.77 41.58 10.17
CA LEU C 271 1.30 42.47 9.08
C LEU C 271 2.36 43.42 8.54
N HIS C 272 3.59 42.95 8.48
CA HIS C 272 4.67 43.75 7.94
C HIS C 272 4.46 43.89 6.43
N TYR C 273 4.81 45.05 5.91
CA TYR C 273 4.68 45.31 4.48
C TYR C 273 5.66 44.50 3.62
N ASP C 274 6.94 44.59 3.98
CA ASP C 274 7.99 43.81 3.34
C ASP C 274 7.77 42.38 3.74
N PRO C 275 7.47 41.53 2.76
CA PRO C 275 7.20 40.12 2.98
C PRO C 275 8.46 39.39 3.52
N ASN C 276 9.64 39.80 3.06
CA ASN C 276 10.86 39.19 3.57
C ASN C 276 11.05 39.41 5.06
N LYS C 277 10.46 40.48 5.59
CA LYS C 277 10.56 40.77 7.01
C LYS C 277 9.39 40.22 7.80
N ARG C 278 8.22 40.15 7.16
CA ARG C 278 7.04 39.49 7.74
C ARG C 278 7.47 38.16 8.35
N ILE C 279 7.00 37.93 9.56
CA ILE C 279 7.31 36.75 10.34
C ILE C 279 6.81 35.45 9.70
N SER C 280 7.65 34.43 9.86
CA SER C 280 7.35 33.09 9.40
C SER C 280 6.48 32.42 10.46
N ALA C 281 5.66 31.47 10.03
CA ALA C 281 4.81 30.73 10.93
C ALA C 281 5.66 30.09 12.02
N LYS C 282 6.77 29.47 11.59
CA LYS C 282 7.75 28.84 12.47
C LYS C 282 8.09 29.79 13.59
N ALA C 283 8.57 30.98 13.26
CA ALA C 283 9.03 31.91 14.26
C ALA C 283 7.90 32.45 15.17
N ALA C 284 6.73 32.65 14.61
CA ALA C 284 5.60 33.10 15.39
C ALA C 284 5.22 32.12 16.54
N LEU C 285 5.55 30.84 16.39
CA LEU C 285 5.25 29.86 17.44
C LEU C 285 6.15 30.06 18.68
N ALA C 286 7.32 30.65 18.45
CA ALA C 286 8.26 31.07 19.47
C ALA C 286 8.02 32.52 19.92
N HIS C 287 6.82 33.06 19.76
CA HIS C 287 6.60 34.44 20.18
C HIS C 287 6.14 34.41 21.62
N PRO C 288 6.65 35.38 22.40
CA PRO C 288 6.22 35.62 23.80
C PRO C 288 4.73 35.53 23.99
N PHE C 289 3.96 35.97 22.99
CA PHE C 289 2.51 35.98 23.10
C PHE C 289 2.04 34.60 23.50
N PHE C 290 2.81 33.59 23.11
CA PHE C 290 2.39 32.18 23.27
C PHE C 290 2.82 31.41 24.56
N GLN C 291 3.59 32.08 25.45
CA GLN C 291 4.17 31.47 26.66
C GLN C 291 3.15 30.73 27.56
N ASP C 292 2.07 31.41 27.90
CA ASP C 292 1.02 30.83 28.74
C ASP C 292 -0.10 30.13 27.94
N VAL C 293 0.19 29.72 26.69
CA VAL C 293 -0.87 29.14 25.86
C VAL C 293 -1.51 27.89 26.45
N THR C 294 -2.83 27.86 26.47
CA THR C 294 -3.58 26.65 26.81
C THR C 294 -4.53 26.25 25.67
N LYS C 295 -5.23 25.14 25.89
CA LYS C 295 -6.29 24.70 25.01
C LYS C 295 -7.66 24.77 25.70
N PRO C 296 -8.31 25.93 25.73
CA PRO C 296 -9.69 26.01 26.23
C PRO C 296 -10.71 25.32 25.32
N VAL C 297 -11.80 24.84 25.92
CA VAL C 297 -12.95 24.35 25.17
C VAL C 297 -13.82 25.56 24.76
N PRO C 298 -14.36 25.62 23.55
CA PRO C 298 -15.22 26.75 23.19
C PRO C 298 -16.66 26.55 23.69
N HIS C 299 -17.43 27.63 23.73
CA HIS C 299 -18.83 27.58 24.18
C HIS C 299 -19.81 27.35 23.01
N LEU C 300 -19.92 26.09 22.61
CA LEU C 300 -20.79 25.69 21.51
C LEU C 300 -22.19 25.29 21.99
N TYR D 6 12.42 28.05 5.40
CA TYR D 6 12.03 26.61 5.22
C TYR D 6 12.90 25.82 4.26
N HIS D 7 13.90 26.47 3.68
CA HIS D 7 14.73 25.92 2.60
C HIS D 7 15.29 24.56 2.98
N GLU D 8 15.51 24.32 4.28
CA GLU D 8 16.10 23.06 4.75
C GLU D 8 15.10 22.00 5.10
N ASP D 9 14.03 22.38 5.78
CA ASP D 9 12.89 21.50 6.00
C ASP D 9 12.36 20.90 4.72
N ILE D 10 12.02 21.79 3.78
CA ILE D 10 11.57 21.42 2.44
C ILE D 10 12.61 20.49 1.81
N HIS D 11 13.88 20.84 1.94
CA HIS D 11 14.88 20.02 1.31
C HIS D 11 14.91 18.60 1.89
N THR D 12 14.99 18.49 3.20
CA THR D 12 14.86 17.20 3.86
C THR D 12 13.64 16.38 3.44
N TYR D 13 12.45 17.00 3.44
CA TYR D 13 11.23 16.36 2.98
C TYR D 13 11.31 15.83 1.52
N LEU D 14 11.75 16.65 0.61
CA LEU D 14 11.87 16.22 -0.76
C LEU D 14 12.74 14.94 -0.85
N ARG D 15 13.92 15.01 -0.21
CA ARG D 15 14.83 13.87 -0.05
C ARG D 15 14.11 12.65 0.52
N GLU D 16 13.23 12.89 1.47
CA GLU D 16 12.38 11.82 1.96
C GLU D 16 11.33 11.28 0.95
N MET D 17 10.66 12.16 0.19
CA MET D 17 9.62 11.72 -0.77
C MET D 17 10.19 11.10 -2.02
N GLU D 18 11.36 11.60 -2.43
CA GLU D 18 12.01 11.11 -3.64
C GLU D 18 12.27 9.60 -3.54
N VAL D 19 12.35 9.08 -2.33
CA VAL D 19 12.57 7.67 -2.17
C VAL D 19 11.23 6.98 -2.40
N LYS D 20 10.15 7.60 -1.93
CA LYS D 20 8.81 7.00 -2.02
C LYS D 20 8.09 7.13 -3.39
N CYS D 21 8.43 8.15 -4.19
CA CYS D 21 7.89 8.31 -5.55
C CYS D 21 8.82 7.78 -6.61
N LYS D 22 9.87 7.09 -6.21
CA LYS D 22 10.76 6.48 -7.17
C LYS D 22 10.09 5.30 -7.84
N PRO D 23 10.08 5.29 -9.17
CA PRO D 23 9.53 4.15 -9.94
C PRO D 23 10.34 2.91 -9.73
N LYS D 24 9.79 1.77 -10.09
CA LYS D 24 10.51 0.51 -9.97
C LYS D 24 11.59 0.42 -11.08
N VAL D 25 12.84 0.21 -10.67
CA VAL D 25 14.02 0.19 -11.55
C VAL D 25 14.01 -0.78 -12.75
N GLY D 26 13.56 -2.01 -12.57
CA GLY D 26 13.61 -2.84 -13.76
C GLY D 26 12.30 -3.02 -14.50
N TYR D 27 11.42 -2.01 -14.51
CA TYR D 27 10.01 -2.23 -14.90
C TYR D 27 9.79 -2.63 -16.35
N MET D 28 10.61 -2.12 -17.26
CA MET D 28 10.44 -2.44 -18.68
C MET D 28 10.75 -3.90 -19.03
N LYS D 29 11.66 -4.50 -18.26
CA LYS D 29 11.87 -5.95 -18.34
C LYS D 29 10.56 -6.76 -18.10
N LYS D 30 9.55 -6.12 -17.53
CA LYS D 30 8.32 -6.80 -17.13
C LYS D 30 7.11 -6.45 -18.02
N GLN D 31 7.33 -5.52 -18.95
CA GLN D 31 6.35 -5.11 -19.96
C GLN D 31 6.67 -5.88 -21.21
N PRO D 32 5.77 -6.81 -21.55
CA PRO D 32 5.91 -7.68 -22.74
C PRO D 32 5.84 -6.93 -24.08
N ASP D 33 5.06 -5.85 -24.12
CA ASP D 33 4.82 -5.14 -25.38
C ASP D 33 5.65 -3.87 -25.60
N ILE D 34 6.17 -3.25 -24.53
CA ILE D 34 6.98 -2.05 -24.69
C ILE D 34 8.42 -2.21 -24.24
N THR D 35 9.27 -1.25 -24.61
CA THR D 35 10.71 -1.33 -24.36
C THR D 35 11.25 0.06 -24.03
N ASN D 36 12.44 0.10 -23.46
CA ASN D 36 13.13 1.39 -23.25
C ASN D 36 13.23 2.31 -24.47
N SER D 37 13.37 1.69 -25.65
CA SER D 37 13.49 2.40 -26.91
C SER D 37 12.22 3.24 -27.14
N MET D 38 11.06 2.57 -27.08
CA MET D 38 9.74 3.22 -27.21
C MET D 38 9.55 4.34 -26.19
N ARG D 39 9.94 4.09 -24.94
CA ARG D 39 9.80 5.10 -23.90
C ARG D 39 10.59 6.34 -24.26
N ALA D 40 11.73 6.15 -24.92
CA ALA D 40 12.62 7.27 -25.32
C ALA D 40 11.98 8.14 -26.43
N ILE D 41 11.32 7.46 -27.36
CA ILE D 41 10.53 8.15 -28.35
C ILE D 41 9.46 8.96 -27.65
N LEU D 42 8.79 8.34 -26.68
CA LEU D 42 7.68 8.99 -25.95
C LEU D 42 8.10 10.20 -25.16
N VAL D 43 9.14 10.06 -24.34
CA VAL D 43 9.66 11.18 -23.58
C VAL D 43 10.19 12.23 -24.54
N ASP D 44 10.75 11.79 -25.68
CA ASP D 44 11.28 12.76 -26.62
C ASP D 44 10.17 13.61 -27.17
N TRP D 45 9.08 12.97 -27.60
CA TRP D 45 7.89 13.69 -28.05
C TRP D 45 7.33 14.63 -26.96
N LEU D 46 7.45 14.26 -25.68
CA LEU D 46 6.91 15.15 -24.65
C LEU D 46 7.65 16.47 -24.58
N VAL D 47 8.93 16.40 -24.91
CA VAL D 47 9.81 17.56 -24.93
C VAL D 47 9.37 18.53 -26.00
N GLU D 48 9.10 18.02 -27.21
CA GLU D 48 8.46 18.82 -28.26
C GLU D 48 7.18 19.39 -27.76
N VAL D 49 6.28 18.54 -27.29
CA VAL D 49 5.03 19.03 -26.72
C VAL D 49 5.22 20.21 -25.78
N GLY D 50 6.20 20.11 -24.90
CA GLY D 50 6.47 21.13 -23.92
C GLY D 50 6.92 22.43 -24.54
N GLU D 51 7.54 22.33 -25.73
CA GLU D 51 8.03 23.50 -26.47
C GLU D 51 6.93 24.12 -27.27
N GLU D 52 6.20 23.32 -28.03
CA GLU D 52 5.02 23.82 -28.75
C GLU D 52 4.09 24.66 -27.85
N TYR D 53 3.89 24.26 -26.58
CA TYR D 53 2.93 24.93 -25.71
C TYR D 53 3.54 25.77 -24.63
N LYS D 54 4.86 25.89 -24.71
CA LYS D 54 5.66 26.72 -23.78
C LYS D 54 5.36 26.38 -22.33
N LEU D 55 5.33 25.08 -22.05
CA LEU D 55 5.13 24.53 -20.71
C LEU D 55 6.43 24.55 -19.91
N GLN D 56 6.30 24.72 -18.60
CA GLN D 56 7.45 24.67 -17.67
C GLN D 56 8.22 23.35 -17.75
N ASN D 57 9.52 23.42 -17.51
CA ASN D 57 10.31 22.19 -17.49
C ASN D 57 9.86 21.27 -16.35
N GLU D 58 9.40 21.90 -15.27
CA GLU D 58 8.87 21.15 -14.13
C GLU D 58 7.79 20.20 -14.60
N THR D 59 6.89 20.70 -15.45
CA THR D 59 5.80 19.91 -16.00
C THR D 59 6.35 18.66 -16.68
N LEU D 60 7.43 18.84 -17.45
CA LEU D 60 7.98 17.76 -18.26
C LEU D 60 8.51 16.65 -17.39
N HIS D 61 9.19 17.03 -16.31
CA HIS D 61 9.80 16.08 -15.38
C HIS D 61 8.71 15.33 -14.65
N LEU D 62 7.65 16.05 -14.26
CA LEU D 62 6.49 15.45 -13.57
C LEU D 62 5.78 14.39 -14.42
N ALA D 63 5.53 14.72 -15.68
CA ALA D 63 4.93 13.81 -16.61
C ALA D 63 5.72 12.49 -16.63
N VAL D 64 7.03 12.62 -16.70
CA VAL D 64 7.88 11.46 -16.88
C VAL D 64 7.73 10.56 -15.63
N ASN D 65 7.73 11.18 -14.44
CA ASN D 65 7.55 10.47 -13.18
C ASN D 65 6.22 9.76 -13.18
N TYR D 66 5.18 10.45 -13.68
CA TYR D 66 3.86 9.85 -13.73
C TYR D 66 3.91 8.62 -14.64
N ILE D 67 4.56 8.74 -15.80
CA ILE D 67 4.54 7.63 -16.75
C ILE D 67 5.26 6.45 -16.13
N ASP D 68 6.42 6.73 -15.55
CA ASP D 68 7.22 5.66 -14.98
C ASP D 68 6.50 5.00 -13.80
N ARG D 69 5.80 5.75 -12.98
CA ARG D 69 5.11 5.07 -11.87
C ARG D 69 3.97 4.20 -12.38
N PHE D 70 3.25 4.73 -13.35
CA PHE D 70 2.16 4.05 -14.02
C PHE D 70 2.59 2.73 -14.69
N LEU D 71 3.62 2.78 -15.55
CA LEU D 71 4.10 1.57 -16.24
C LEU D 71 4.83 0.62 -15.27
N SER D 72 5.24 1.15 -14.11
CA SER D 72 5.70 0.28 -13.04
C SER D 72 4.62 -0.61 -12.47
N SER D 73 3.37 -0.34 -12.76
CA SER D 73 2.31 -1.20 -12.24
C SER D 73 1.16 -1.51 -13.22
N MET D 74 1.19 -0.96 -14.42
CA MET D 74 0.19 -1.33 -15.41
C MET D 74 0.86 -1.71 -16.67
N SER D 75 0.45 -2.86 -17.14
CA SER D 75 0.99 -3.43 -18.31
C SER D 75 0.20 -2.78 -19.51
N VAL D 76 0.91 -2.32 -20.55
CA VAL D 76 0.35 -1.44 -21.57
C VAL D 76 0.87 -1.90 -22.93
N LEU D 77 0.00 -2.00 -23.94
CA LEU D 77 0.42 -2.30 -25.31
C LEU D 77 0.99 -1.10 -26.06
N ARG D 78 1.82 -1.37 -27.10
CA ARG D 78 2.57 -0.32 -27.77
C ARG D 78 1.64 0.78 -28.32
N GLY D 79 0.43 0.36 -28.68
CA GLY D 79 -0.57 1.24 -29.27
C GLY D 79 -1.18 2.28 -28.36
N LYS D 80 -0.95 2.12 -27.06
CA LYS D 80 -1.57 2.96 -26.05
C LYS D 80 -0.56 3.72 -25.25
N LEU D 81 0.72 3.43 -25.51
CA LEU D 81 1.83 4.14 -24.86
C LEU D 81 1.67 5.67 -24.96
N GLN D 82 1.53 6.17 -26.18
CA GLN D 82 1.25 7.57 -26.30
C GLN D 82 0.02 8.09 -25.49
N LEU D 83 -1.01 7.28 -25.29
CA LEU D 83 -2.19 7.80 -24.59
C LEU D 83 -1.91 7.96 -23.10
N VAL D 84 -1.04 7.10 -22.55
CA VAL D 84 -0.55 7.27 -21.19
C VAL D 84 0.21 8.57 -21.11
N GLY D 85 1.06 8.81 -22.10
CA GLY D 85 1.92 9.99 -22.13
C GLY D 85 1.12 11.27 -22.22
N THR D 86 0.10 11.28 -23.08
CA THR D 86 -0.74 12.46 -23.25
C THR D 86 -1.45 12.75 -21.94
N ALA D 87 -1.99 11.70 -21.33
CA ALA D 87 -2.69 11.83 -20.05
C ALA D 87 -1.75 12.25 -18.94
N ALA D 88 -0.54 11.69 -18.88
CA ALA D 88 0.45 12.16 -17.91
C ALA D 88 0.71 13.66 -18.05
N MET D 89 0.90 14.10 -19.29
CA MET D 89 1.22 15.49 -19.57
C MET D 89 0.08 16.43 -19.17
N LEU D 90 -1.14 16.04 -19.52
CA LEU D 90 -2.29 16.79 -19.12
C LEU D 90 -2.39 16.87 -17.61
N LEU D 91 -2.15 15.77 -16.88
CA LEU D 91 -2.25 15.86 -15.43
C LEU D 91 -1.18 16.72 -14.84
N ALA D 92 0.05 16.53 -15.33
CA ALA D 92 1.17 17.33 -14.90
C ALA D 92 0.87 18.80 -15.16
N SER D 93 0.30 19.07 -16.33
CA SER D 93 -0.06 20.43 -16.65
C SER D 93 -1.07 20.95 -15.65
N LYS D 94 -2.17 20.23 -15.43
CA LYS D 94 -3.16 20.69 -14.44
C LYS D 94 -2.53 20.99 -13.04
N PHE D 95 -1.64 20.14 -12.56
CA PHE D 95 -0.99 20.36 -11.28
C PHE D 95 -0.19 21.66 -11.30
N GLU D 96 0.61 21.85 -12.34
CA GLU D 96 1.76 22.72 -12.25
C GLU D 96 1.66 24.06 -12.91
N GLU D 97 0.96 24.13 -14.03
CA GLU D 97 0.93 25.32 -14.86
C GLU D 97 -0.15 26.24 -14.38
N ILE D 98 0.10 27.51 -14.57
CA ILE D 98 -0.92 28.53 -14.34
C ILE D 98 -2.00 28.42 -15.39
N TYR D 99 -1.61 28.19 -16.62
CA TYR D 99 -2.57 28.02 -17.70
C TYR D 99 -2.32 26.74 -18.46
N PRO D 100 -2.81 25.59 -17.99
CA PRO D 100 -2.61 24.33 -18.72
C PRO D 100 -3.28 24.41 -20.10
N PRO D 101 -2.67 23.83 -21.12
CA PRO D 101 -3.34 23.75 -22.42
C PRO D 101 -4.62 22.97 -22.18
N GLU D 102 -5.71 23.34 -22.81
CA GLU D 102 -6.95 22.58 -22.60
C GLU D 102 -6.91 21.15 -23.23
N VAL D 103 -7.82 20.29 -22.78
CA VAL D 103 -7.86 18.94 -23.32
C VAL D 103 -7.84 18.88 -24.85
N ALA D 104 -8.65 19.70 -25.52
CA ALA D 104 -8.64 19.78 -26.99
C ALA D 104 -7.24 19.85 -27.56
N GLU D 105 -6.35 20.62 -26.92
CA GLU D 105 -5.00 20.71 -27.45
C GLU D 105 -4.20 19.44 -27.23
N PHE D 106 -4.46 18.74 -26.13
CA PHE D 106 -3.83 17.46 -25.92
C PHE D 106 -4.28 16.45 -26.95
N VAL D 107 -5.52 16.53 -27.40
CA VAL D 107 -6.04 15.57 -28.38
C VAL D 107 -5.46 15.85 -29.74
N TYR D 108 -5.32 17.13 -30.03
CA TYR D 108 -4.78 17.54 -31.30
C TYR D 108 -3.30 17.12 -31.51
N ILE D 109 -2.43 17.31 -30.51
CA ILE D 109 -0.99 16.98 -30.65
C ILE D 109 -0.69 15.50 -30.90
N THR D 110 -1.59 14.59 -30.48
CA THR D 110 -1.44 13.16 -30.74
C THR D 110 -2.04 12.75 -32.07
N ASP D 111 -2.33 13.78 -32.89
CA ASP D 111 -2.80 13.72 -34.31
C ASP D 111 -4.08 12.91 -34.56
N ASP D 112 -5.05 13.08 -33.64
CA ASP D 112 -6.30 12.26 -33.64
C ASP D 112 -6.06 10.69 -33.81
N THR D 113 -4.92 10.17 -33.28
CA THR D 113 -4.77 8.72 -33.07
C THR D 113 -5.84 8.27 -32.02
N TYR D 114 -6.02 9.10 -31.00
CA TYR D 114 -6.95 8.89 -29.89
C TYR D 114 -8.10 9.92 -29.83
N THR D 115 -9.28 9.51 -29.37
CA THR D 115 -10.38 10.44 -29.14
C THR D 115 -10.18 11.18 -27.83
N LYS D 116 -10.82 12.32 -27.69
CA LYS D 116 -10.89 13.05 -26.43
C LYS D 116 -11.43 12.16 -25.31
N LYS D 117 -12.40 11.32 -25.64
CA LYS D 117 -12.98 10.54 -24.59
C LYS D 117 -11.94 9.58 -24.03
N GLN D 118 -11.07 9.06 -24.90
CA GLN D 118 -9.98 8.22 -24.43
C GLN D 118 -9.06 8.99 -23.54
N VAL D 119 -8.71 10.20 -23.91
CA VAL D 119 -7.73 10.93 -23.15
C VAL D 119 -8.29 11.21 -21.75
N LEU D 120 -9.57 11.53 -21.69
CA LEU D 120 -10.12 11.88 -20.41
C LEU D 120 -10.21 10.63 -19.54
N ARG D 121 -10.58 9.51 -20.15
CA ARG D 121 -10.69 8.23 -19.41
C ARG D 121 -9.32 7.73 -18.92
N MET D 122 -8.30 7.87 -19.75
CA MET D 122 -6.94 7.64 -19.31
C MET D 122 -6.53 8.58 -18.21
N GLU D 123 -7.02 9.79 -18.19
CA GLU D 123 -6.60 10.73 -17.14
C GLU D 123 -6.98 10.14 -15.80
N HIS D 124 -8.22 9.70 -15.74
CA HIS D 124 -8.81 9.22 -14.52
C HIS D 124 -8.19 7.87 -14.16
N LEU D 125 -7.86 7.06 -15.13
CA LEU D 125 -7.15 5.86 -14.82
C LEU D 125 -5.77 6.18 -14.23
N VAL D 126 -5.07 7.16 -14.79
CA VAL D 126 -3.72 7.46 -14.30
C VAL D 126 -3.80 7.87 -12.85
N LEU D 127 -4.85 8.64 -12.52
CA LEU D 127 -5.06 9.14 -11.16
C LEU D 127 -5.28 8.03 -10.15
N LYS D 128 -5.99 6.98 -10.56
CA LYS D 128 -6.36 5.90 -9.67
C LYS D 128 -5.18 5.04 -9.44
N VAL D 129 -4.42 4.76 -10.49
CA VAL D 129 -3.21 3.95 -10.37
C VAL D 129 -2.16 4.63 -9.48
N LEU D 130 -2.03 5.95 -9.61
CA LEU D 130 -1.11 6.73 -8.75
C LEU D 130 -1.79 7.14 -7.43
N THR D 131 -3.05 6.74 -7.24
CA THR D 131 -3.86 7.18 -6.11
C THR D 131 -3.66 8.65 -5.78
N PHE D 132 -3.75 9.50 -6.80
CA PHE D 132 -3.59 10.95 -6.66
C PHE D 132 -2.30 11.47 -6.02
N ASP D 133 -1.23 10.67 -5.98
CA ASP D 133 -0.01 11.14 -5.39
C ASP D 133 0.83 11.84 -6.42
N LEU D 134 0.58 13.13 -6.59
CA LEU D 134 1.05 13.83 -7.77
C LEU D 134 2.19 14.80 -7.49
N ALA D 135 2.52 14.96 -6.21
CA ALA D 135 3.51 15.92 -5.75
C ALA D 135 4.92 15.30 -5.63
N ALA D 136 5.41 14.78 -6.74
CA ALA D 136 6.67 14.04 -6.82
C ALA D 136 7.84 14.99 -6.95
N PRO D 137 8.87 14.84 -6.16
CA PRO D 137 10.10 15.60 -6.40
C PRO D 137 10.72 15.20 -7.72
N THR D 138 11.41 16.14 -8.35
CA THR D 138 11.95 15.97 -9.70
C THR D 138 13.36 16.55 -9.76
N VAL D 139 14.09 16.18 -10.80
CA VAL D 139 15.46 16.62 -10.99
C VAL D 139 15.49 18.14 -10.96
N ASN D 140 14.50 18.73 -11.62
CA ASN D 140 14.32 20.17 -11.67
C ASN D 140 14.19 20.84 -10.28
N GLN D 141 13.52 20.17 -9.33
CA GLN D 141 13.17 20.81 -8.07
C GLN D 141 14.43 20.95 -7.29
N PHE D 142 15.30 19.95 -7.44
CA PHE D 142 16.61 19.92 -6.83
C PHE D 142 17.58 20.89 -7.54
N LEU D 143 17.88 20.67 -8.82
CA LEU D 143 18.65 21.66 -9.57
C LEU D 143 18.40 23.08 -9.05
N THR D 144 17.13 23.42 -8.97
CA THR D 144 16.69 24.77 -8.67
C THR D 144 17.25 25.25 -7.34
N GLN D 145 17.12 24.43 -6.32
CA GLN D 145 17.74 24.66 -5.03
C GLN D 145 19.28 24.67 -5.07
N TYR D 146 19.87 23.75 -5.80
CA TYR D 146 21.32 23.73 -5.95
C TYR D 146 21.79 25.07 -6.58
N PHE D 147 21.04 25.57 -7.57
CA PHE D 147 21.38 26.82 -8.28
C PHE D 147 21.58 28.00 -7.34
N LEU D 148 20.97 27.94 -6.16
CA LEU D 148 21.19 28.96 -5.11
C LEU D 148 22.60 28.99 -4.44
N HIS D 149 23.53 28.10 -4.82
CA HIS D 149 24.87 28.09 -4.24
C HIS D 149 25.94 28.50 -5.25
N GLN D 150 25.51 29.02 -6.39
CA GLN D 150 26.45 29.60 -7.34
C GLN D 150 26.97 30.90 -6.77
N GLN D 151 28.15 31.28 -7.22
CA GLN D 151 28.71 32.58 -6.93
C GLN D 151 29.77 32.90 -7.99
N PRO D 152 29.41 33.70 -9.00
CA PRO D 152 28.06 34.29 -9.10
C PRO D 152 27.13 33.38 -9.89
N ALA D 153 25.82 33.60 -9.77
CA ALA D 153 24.84 33.01 -10.68
C ALA D 153 25.32 33.06 -12.13
N ASN D 154 25.42 31.91 -12.80
CA ASN D 154 25.80 31.88 -14.20
C ASN D 154 24.67 31.35 -15.05
N CYS D 155 24.22 32.14 -15.99
CA CYS D 155 23.09 31.77 -16.83
C CYS D 155 23.38 30.53 -17.63
N LYS D 156 24.60 30.45 -18.17
CA LYS D 156 24.99 29.33 -18.98
C LYS D 156 25.04 28.02 -18.19
N VAL D 157 25.57 28.10 -16.96
CA VAL D 157 25.60 26.94 -16.07
C VAL D 157 24.15 26.44 -15.92
N GLU D 158 23.26 27.33 -15.47
CA GLU D 158 21.88 26.98 -15.18
C GLU D 158 21.18 26.26 -16.34
N SER D 159 21.09 26.92 -17.48
CA SER D 159 20.68 26.27 -18.71
C SER D 159 21.39 24.94 -18.99
N LEU D 160 22.69 24.87 -18.76
CA LEU D 160 23.39 23.62 -19.02
C LEU D 160 23.09 22.47 -18.00
N ALA D 161 22.87 22.80 -16.73
CA ALA D 161 22.39 21.79 -15.80
C ALA D 161 20.98 21.31 -16.19
N MET D 162 20.12 22.26 -16.61
CA MET D 162 18.75 21.96 -17.08
C MET D 162 18.80 20.95 -18.22
N PHE D 163 19.65 21.25 -19.19
CA PHE D 163 19.83 20.40 -20.36
C PHE D 163 20.20 18.97 -19.93
N LEU D 164 21.19 18.85 -19.06
CA LEU D 164 21.74 17.55 -18.76
C LEU D 164 20.71 16.68 -18.06
N GLY D 165 20.12 17.20 -16.96
CA GLY D 165 19.01 16.53 -16.25
C GLY D 165 17.88 16.05 -17.16
N GLU D 166 17.56 16.85 -18.16
CA GLU D 166 16.52 16.55 -19.12
C GLU D 166 16.93 15.36 -19.98
N LEU D 167 18.16 15.37 -20.47
CA LEU D 167 18.66 14.23 -21.26
C LEU D 167 18.49 12.91 -20.49
N SER D 168 18.64 12.97 -19.16
CA SER D 168 18.48 11.78 -18.35
C SER D 168 17.08 11.18 -18.43
N LEU D 169 16.07 12.03 -18.66
CA LEU D 169 14.67 11.60 -18.69
C LEU D 169 14.50 10.60 -19.79
N ILE D 170 15.26 10.76 -20.87
CA ILE D 170 15.15 9.95 -22.09
C ILE D 170 15.57 8.50 -21.91
N ASP D 171 16.50 8.24 -20.99
CA ASP D 171 17.19 6.92 -20.94
C ASP D 171 17.00 6.11 -19.65
N ALA D 172 15.97 5.26 -19.66
CA ALA D 172 15.54 4.51 -18.48
C ALA D 172 16.72 3.76 -17.91
N ASP D 173 17.47 3.18 -18.81
CA ASP D 173 18.70 2.54 -18.46
C ASP D 173 19.76 3.48 -19.07
N PRO D 174 20.54 4.13 -18.23
CA PRO D 174 20.68 3.82 -16.79
C PRO D 174 19.84 4.62 -15.76
N TYR D 175 19.18 5.72 -16.12
CA TYR D 175 18.80 6.73 -15.12
C TYR D 175 17.71 6.38 -14.12
N LEU D 176 17.02 5.30 -14.42
CA LEU D 176 15.93 4.89 -13.57
C LEU D 176 16.47 4.50 -12.19
N LYS D 177 17.76 4.19 -12.10
CA LYS D 177 18.28 3.66 -10.84
C LYS D 177 18.94 4.70 -9.97
N TYR D 178 19.07 5.93 -10.48
CA TYR D 178 19.53 7.08 -9.68
C TYR D 178 18.36 7.91 -9.11
N LEU D 179 18.50 8.40 -7.89
CA LEU D 179 17.54 9.36 -7.37
C LEU D 179 17.63 10.72 -8.06
N PRO D 180 16.51 11.42 -8.18
CA PRO D 180 16.50 12.79 -8.70
C PRO D 180 17.57 13.72 -8.07
N SER D 181 17.69 13.72 -6.74
CA SER D 181 18.67 14.58 -6.07
C SER D 181 20.10 14.34 -6.56
N VAL D 182 20.40 13.05 -6.78
CA VAL D 182 21.69 12.65 -7.31
C VAL D 182 21.88 13.07 -8.76
N ILE D 183 20.97 12.67 -9.65
CA ILE D 183 21.03 13.08 -11.04
C ILE D 183 21.24 14.57 -11.09
N ALA D 184 20.52 15.31 -10.25
CA ALA D 184 20.59 16.78 -10.24
C ALA D 184 21.99 17.20 -9.78
N GLY D 185 22.53 16.50 -8.80
CA GLY D 185 23.91 16.74 -8.42
C GLY D 185 24.85 16.69 -9.62
N ALA D 186 24.94 15.53 -10.24
CA ALA D 186 25.88 15.35 -11.34
C ALA D 186 25.65 16.37 -12.46
N ALA D 187 24.40 16.72 -12.72
CA ALA D 187 24.11 17.62 -13.84
C ALA D 187 24.59 19.00 -13.53
N PHE D 188 24.52 19.38 -12.26
CA PHE D 188 25.01 20.68 -11.77
C PHE D 188 26.55 20.76 -11.86
N HIS D 189 27.23 19.77 -11.25
CA HIS D 189 28.67 19.68 -11.36
C HIS D 189 29.08 19.69 -12.83
N LEU D 190 28.66 18.67 -13.57
CA LEU D 190 29.04 18.55 -14.96
C LEU D 190 28.84 19.86 -15.72
N ALA D 191 27.84 20.66 -15.35
CA ALA D 191 27.59 21.94 -16.04
C ALA D 191 28.53 23.04 -15.57
N LEU D 192 28.73 23.12 -14.25
CA LEU D 192 29.64 24.06 -13.60
C LEU D 192 31.04 23.95 -14.22
N TYR D 193 31.64 22.76 -14.08
CA TYR D 193 32.92 22.39 -14.68
C TYR D 193 32.97 22.68 -16.20
N THR D 194 31.95 22.26 -16.94
CA THR D 194 31.95 22.55 -18.37
C THR D 194 32.09 24.04 -18.68
N VAL D 195 31.31 24.90 -18.02
CA VAL D 195 31.27 26.31 -18.40
C VAL D 195 32.37 27.16 -17.72
N THR D 196 32.88 26.70 -16.58
CA THR D 196 33.78 27.53 -15.76
C THR D 196 34.89 26.80 -15.04
N GLY D 197 35.01 25.48 -15.21
CA GLY D 197 36.03 24.72 -14.49
C GLY D 197 35.96 24.65 -12.94
N GLN D 198 34.93 25.25 -12.35
CA GLN D 198 34.64 25.01 -10.91
C GLN D 198 34.08 23.59 -10.61
N SER D 199 33.87 23.32 -9.32
CA SER D 199 33.47 21.98 -8.87
C SER D 199 32.31 22.02 -7.90
N TRP D 200 31.52 20.94 -7.88
CA TRP D 200 30.50 20.71 -6.86
C TRP D 200 30.95 21.46 -5.59
N PRO D 201 30.27 22.55 -5.22
CA PRO D 201 30.72 23.38 -4.08
C PRO D 201 30.62 22.73 -2.68
N GLU D 202 31.47 23.27 -1.81
CA GLU D 202 31.55 22.89 -0.42
C GLU D 202 30.19 23.07 0.28
N SER D 203 29.58 24.24 0.08
CA SER D 203 28.25 24.51 0.65
C SER D 203 27.24 23.42 0.29
N LEU D 204 27.21 23.02 -0.98
CA LEU D 204 26.36 21.92 -1.40
C LEU D 204 26.74 20.54 -0.84
N ILE D 205 27.96 20.37 -0.33
CA ILE D 205 28.34 19.14 0.36
C ILE D 205 27.71 19.08 1.76
N ARG D 206 27.66 20.21 2.45
CA ARG D 206 26.98 20.24 3.75
C ARG D 206 25.44 20.18 3.59
N LYS D 207 24.92 20.67 2.45
CA LYS D 207 23.47 20.64 2.18
C LYS D 207 22.96 19.22 1.90
N THR D 208 23.62 18.55 0.95
CA THR D 208 23.18 17.28 0.37
C THR D 208 23.82 16.09 1.05
N GLY D 209 25.08 16.23 1.45
CA GLY D 209 25.85 15.15 2.04
C GLY D 209 26.42 14.25 0.96
N TYR D 210 26.33 14.72 -0.27
CA TYR D 210 26.90 14.03 -1.40
C TYR D 210 28.27 14.65 -1.65
N THR D 211 29.28 13.80 -1.87
CA THR D 211 30.64 14.22 -2.31
C THR D 211 30.76 13.95 -3.80
N LEU D 212 31.87 14.37 -4.41
CA LEU D 212 32.13 14.04 -5.81
C LEU D 212 32.42 12.53 -5.95
N GLU D 213 32.57 11.87 -4.79
CA GLU D 213 32.71 10.44 -4.65
C GLU D 213 31.34 9.77 -4.88
N SER D 214 30.34 10.13 -4.06
CA SER D 214 28.97 9.55 -4.20
C SER D 214 28.36 9.76 -5.60
N LEU D 215 28.62 10.93 -6.17
CA LEU D 215 28.07 11.31 -7.47
C LEU D 215 28.76 10.68 -8.69
N LYS D 216 29.89 10.03 -8.45
CA LYS D 216 30.74 9.62 -9.56
C LYS D 216 30.07 8.64 -10.55
N PRO D 217 29.50 7.51 -10.10
CA PRO D 217 28.87 6.58 -11.06
C PRO D 217 27.80 7.26 -11.95
N CYS D 218 27.15 8.28 -11.41
CA CYS D 218 26.08 8.98 -12.10
C CYS D 218 26.72 10.00 -13.00
N LEU D 219 27.88 10.48 -12.55
CA LEU D 219 28.61 11.54 -13.23
C LEU D 219 29.15 10.94 -14.49
N MET D 220 29.61 9.69 -14.37
CA MET D 220 30.21 8.94 -15.46
C MET D 220 29.18 8.68 -16.54
N ASP D 221 28.04 8.18 -16.08
CA ASP D 221 26.90 7.94 -16.92
C ASP D 221 26.53 9.22 -17.67
N LEU D 222 26.42 10.35 -16.95
CA LEU D 222 25.94 11.62 -17.52
C LEU D 222 26.95 12.29 -18.45
N HIS D 223 28.22 12.13 -18.10
CA HIS D 223 29.34 12.47 -18.98
C HIS D 223 29.24 11.80 -20.38
N GLN D 224 29.12 10.47 -20.38
CA GLN D 224 28.98 9.69 -21.61
C GLN D 224 27.76 10.17 -22.36
N THR D 225 26.64 10.30 -21.65
CA THR D 225 25.40 10.77 -22.27
C THR D 225 25.65 12.11 -22.93
N TYR D 226 26.44 12.96 -22.25
CA TYR D 226 26.79 14.26 -22.82
C TYR D 226 27.59 14.00 -24.09
N LEU D 227 28.61 13.16 -23.99
CA LEU D 227 29.55 12.96 -25.12
C LEU D 227 28.89 12.39 -26.40
N LYS D 228 27.90 11.51 -26.24
CA LYS D 228 27.24 10.89 -27.40
C LYS D 228 25.92 11.57 -27.79
N ALA D 229 25.55 12.65 -27.09
CA ALA D 229 24.27 13.32 -27.33
C ALA D 229 24.00 13.69 -28.80
N PRO D 230 25.00 14.12 -29.54
CA PRO D 230 24.75 14.39 -30.97
C PRO D 230 24.44 13.13 -31.80
N GLN D 231 24.63 11.93 -31.23
CA GLN D 231 24.48 10.64 -31.95
C GLN D 231 23.20 9.84 -31.60
N HIS D 232 22.66 10.10 -30.40
CA HIS D 232 21.37 9.56 -29.89
C HIS D 232 20.21 9.72 -30.87
N ALA D 233 19.37 8.69 -30.97
CA ALA D 233 18.21 8.72 -31.87
C ALA D 233 17.32 9.92 -31.57
N GLN D 234 17.37 10.40 -30.35
CA GLN D 234 16.42 11.36 -29.87
C GLN D 234 17.11 12.68 -29.83
N GLN D 235 16.50 13.71 -30.44
CA GLN D 235 17.14 15.01 -30.59
C GLN D 235 16.31 16.21 -30.14
N SER D 236 15.11 15.97 -29.65
CA SER D 236 14.26 17.10 -29.26
C SER D 236 14.88 18.00 -28.20
N ILE D 237 15.72 17.45 -27.31
CA ILE D 237 16.26 18.20 -26.19
C ILE D 237 17.41 19.12 -26.65
N ARG D 238 18.33 18.56 -27.43
CA ARG D 238 19.34 19.36 -28.16
C ARG D 238 18.70 20.49 -28.94
N GLU D 239 17.76 20.16 -29.83
CA GLU D 239 16.99 21.16 -30.57
C GLU D 239 16.39 22.24 -29.67
N LYS D 240 15.89 21.85 -28.50
CA LYS D 240 15.29 22.82 -27.59
C LYS D 240 16.37 23.75 -27.06
N TYR D 241 17.50 23.15 -26.68
CA TYR D 241 18.53 23.88 -25.96
C TYR D 241 19.57 24.60 -26.86
N LYS D 242 19.21 24.86 -28.13
CA LYS D 242 20.01 25.73 -28.98
C LYS D 242 19.44 27.15 -28.90
N ASN D 243 18.14 27.27 -28.67
CA ASN D 243 17.46 28.58 -28.71
C ASN D 243 18.02 29.52 -27.68
N SER D 244 17.80 30.80 -27.93
CA SER D 244 18.38 31.88 -27.11
C SER D 244 17.87 31.87 -25.66
N LYS D 245 16.62 31.39 -25.47
CA LYS D 245 16.04 31.32 -24.13
C LYS D 245 16.92 30.46 -23.27
N TYR D 246 17.51 29.41 -23.84
CA TYR D 246 18.42 28.59 -23.06
C TYR D 246 19.85 28.86 -23.46
N HIS D 247 20.13 30.10 -23.88
CA HIS D 247 21.51 30.54 -24.17
C HIS D 247 22.33 29.51 -24.97
N GLY D 248 21.67 28.85 -25.93
CA GLY D 248 22.28 27.87 -26.82
C GLY D 248 23.26 26.82 -26.29
N VAL D 249 23.18 26.49 -24.99
CA VAL D 249 24.16 25.64 -24.32
C VAL D 249 24.30 24.20 -24.83
N SER D 250 23.36 23.77 -25.65
CA SER D 250 23.50 22.45 -26.27
C SER D 250 24.55 22.46 -27.40
N LEU D 251 24.99 23.66 -27.78
CA LEU D 251 26.00 23.84 -28.82
C LEU D 251 27.41 23.82 -28.27
N LEU D 252 27.59 24.10 -26.97
CA LEU D 252 28.94 23.98 -26.36
C LEU D 252 29.46 22.53 -26.44
N ASN D 253 30.79 22.38 -26.34
CA ASN D 253 31.39 21.07 -26.52
C ASN D 253 31.66 20.51 -25.15
N PRO D 254 31.33 19.24 -24.93
CA PRO D 254 31.55 18.62 -23.63
C PRO D 254 33.04 18.51 -23.28
N PRO D 255 33.39 18.56 -21.99
CA PRO D 255 34.71 18.12 -21.55
C PRO D 255 34.89 16.65 -21.94
N GLU D 256 36.12 16.29 -22.30
CA GLU D 256 36.47 14.93 -22.69
C GLU D 256 36.91 14.11 -21.48
N THR D 257 37.31 14.81 -20.43
CA THR D 257 37.76 14.21 -19.17
C THR D 257 37.27 15.04 -18.00
N LEU D 258 37.03 14.37 -16.88
CA LEU D 258 36.46 15.04 -15.72
C LEU D 258 37.47 15.17 -14.59
N ASN D 259 38.48 14.32 -14.60
CA ASN D 259 39.53 14.37 -13.59
C ASN D 259 38.93 14.11 -12.20
N LEU D 260 38.59 12.85 -11.97
CA LEU D 260 38.05 12.39 -10.69
C LEU D 260 38.55 10.98 -10.60
C2 ST8 E . -7.03 -18.06 -18.01
C10 ST8 E . -9.68 -20.53 -16.15
C11 ST8 E . -10.23 -21.55 -15.18
C12 ST8 E . -9.06 -22.34 -14.59
C13 ST8 E . -9.65 -23.22 -13.52
C14 ST8 E . -10.68 -24.15 -14.14
C15 ST8 E . -11.77 -23.42 -14.94
C16 ST8 E . -11.14 -22.48 -15.95
C19 ST8 E . -8.14 -20.25 -22.10
C20 ST8 E . -8.29 -21.50 -21.52
C21 ST8 E . -7.96 -21.65 -20.16
C22 ST8 E . -7.49 -20.58 -19.40
N25 ST8 E . -8.48 -24.01 -22.22
N3 ST8 E . -7.85 -18.88 -17.34
C4 ST8 E . -8.00 -18.83 -16.02
O6 ST8 E . -8.94 -19.58 -15.39
C5 ST8 E . -7.23 -17.84 -15.27
N7 ST8 E . -7.36 -17.78 -13.90
N9 ST8 E . -5.56 -16.06 -15.46
C6 ST8 E . -6.33 -16.98 -16.06
N1 ST8 E . -6.29 -17.13 -17.41
N2 ST8 E . -6.92 -18.21 -19.32
C17 ST8 E . -7.36 -19.32 -20.00
C18 ST8 E . -7.68 -19.19 -21.35
C23 ST8 E . -8.85 -22.65 -22.36
O8 ST8 E . -6.73 -16.97 -13.26
O24 ST8 E . -9.74 -22.37 -23.16
C1 SGM F . -1.25 -7.38 5.02
C2 SGM F . -0.08 -6.41 4.77
O2 SGM F . -0.52 -5.06 5.04
C3 SGM F . 0.46 -6.51 3.34
O3 SGM F . -0.57 -6.24 2.36
S1 SGM F . -1.63 -7.57 6.76
C2 ST8 G . -17.25 21.11 7.79
C10 ST8 G . -17.59 23.54 4.51
C11 ST8 G . -17.25 24.42 3.34
C12 ST8 G . -16.06 25.32 3.63
C13 ST8 G . -15.76 26.07 2.34
C14 ST8 G . -17.01 26.75 1.76
C15 ST8 G . -18.23 25.85 1.72
C16 ST8 G . -18.46 25.29 3.10
C19 ST8 G . -20.86 23.47 9.77
C20 ST8 G . -20.54 24.66 9.09
C21 ST8 G . -19.38 24.72 8.32
C22 ST8 G . -18.54 23.62 8.25
N25 ST8 G . -21.03 27.17 8.92
N3 ST8 G . -17.39 21.87 6.68
C4 ST8 G . -16.58 21.73 5.59
O6 ST8 G . -16.85 22.34 4.40
C5 ST8 G . -15.54 20.71 5.64
N7 ST8 G . -14.72 20.56 4.55
N9 ST8 G . -14.51 18.93 6.97
C6 ST8 G . -15.45 19.89 6.85
N1 ST8 G . -16.30 20.14 7.86
N2 ST8 G . -18.08 21.31 8.85
C17 ST8 G . -18.88 22.42 8.93
C18 ST8 G . -20.05 22.36 9.68
C23 ST8 G . -21.48 25.84 9.19
O8 ST8 G . -13.83 19.72 4.58
O24 ST8 G . -22.66 25.66 9.50
C1 SGM H . 4.47 8.69 -4.47
C2 SGM H . 4.64 8.62 -2.97
O2 SGM H . 4.17 7.33 -2.60
C3 SGM H . 3.82 9.71 -2.26
O3 SGM H . 3.11 9.08 -1.17
S1 SGM H . 4.98 10.28 -4.97
#